data_8W9G
#
_entry.id   8W9G
#
_cell.length_a   63.790
_cell.length_b   67.660
_cell.length_c   85.030
_cell.angle_alpha   68.260
_cell.angle_beta   69.710
_cell.angle_gamma   83.010
#
_symmetry.space_group_name_H-M   'P 1'
#
loop_
_entity.id
_entity.type
_entity.pdbx_description
1 polymer 'Capsid protein'
2 non-polymer 2-fluoranyl-N1-(4-fluorophenyl)-N3-(2-methylphenyl)benzene-1,3-dicarboxamide
3 water water
#
_entity_poly.entity_id   1
_entity_poly.type   'polypeptide(L)'
_entity_poly.pdbx_seq_one_letter_code
;MDIDPYKEFGATVELLSFLPSDFFPSVRDLLDTAAALYRDALESPEHCSPHHTALRQAILCWGDLMTLATWVGTNLEDPA
SRDLVVSYVNTNVGLKFRQLLWFHISCLTFGRETVLEYLVSFGVWIRTPPAARPPNAPILSTLPETTVVENLYFQ
;
_entity_poly.pdbx_strand_id   A,B,C,D,E,F
#
# COMPACT_ATOMS: atom_id res chain seq x y z
N MET A 1 -5.51 -0.37 -12.11
CA MET A 1 -5.65 0.77 -11.22
C MET A 1 -6.33 0.38 -9.92
N ASP A 2 -6.47 1.35 -9.02
CA ASP A 2 -7.17 1.20 -7.75
C ASP A 2 -8.27 2.26 -7.72
N ILE A 3 -9.39 1.96 -8.37
CA ILE A 3 -10.49 2.91 -8.50
C ILE A 3 -11.57 2.54 -7.49
N ASP A 4 -11.83 3.47 -6.57
CA ASP A 4 -12.96 3.33 -5.64
C ASP A 4 -14.18 3.98 -6.25
N PRO A 5 -15.24 3.23 -6.57
CA PRO A 5 -16.41 3.84 -7.22
C PRO A 5 -17.08 4.90 -6.38
N TYR A 6 -16.82 4.95 -5.07
CA TYR A 6 -17.46 5.89 -4.17
C TYR A 6 -16.59 7.09 -3.83
N LYS A 7 -15.31 7.07 -4.19
CA LYS A 7 -14.40 8.13 -3.78
C LYS A 7 -14.83 9.49 -4.33
N GLU A 8 -15.21 9.53 -5.62
CA GLU A 8 -15.64 10.79 -6.21
C GLU A 8 -16.95 11.30 -5.63
N PHE A 9 -17.69 10.44 -4.91
CA PHE A 9 -18.96 10.83 -4.31
C PHE A 9 -18.85 11.04 -2.80
N GLY A 10 -17.64 11.09 -2.26
CA GLY A 10 -17.47 11.38 -0.84
C GLY A 10 -17.68 10.21 0.09
N ALA A 11 -17.38 8.99 -0.37
CA ALA A 11 -17.48 7.80 0.45
C ALA A 11 -16.36 6.85 0.05
N THR A 12 -16.36 5.66 0.66
CA THR A 12 -15.38 4.64 0.33
C THR A 12 -16.08 3.28 0.23
N VAL A 13 -15.40 2.36 -0.46
CA VAL A 13 -15.85 0.97 -0.49
C VAL A 13 -15.98 0.44 0.93
N GLU A 14 -15.00 0.78 1.79
CA GLU A 14 -15.00 0.27 3.16
C GLU A 14 -16.17 0.83 3.96
N LEU A 15 -16.52 2.10 3.74
CA LEU A 15 -17.64 2.68 4.49
C LEU A 15 -18.96 2.02 4.11
N LEU A 16 -19.15 1.70 2.83
CA LEU A 16 -20.38 1.02 2.42
C LEU A 16 -20.43 -0.40 2.98
N SER A 17 -19.27 -1.00 3.26
CA SER A 17 -19.24 -2.34 3.85
C SER A 17 -19.75 -2.34 5.28
N PHE A 18 -19.80 -1.18 5.94
CA PHE A 18 -20.29 -1.11 7.31
C PHE A 18 -21.75 -1.54 7.40
N LEU A 19 -22.52 -1.35 6.33
CA LEU A 19 -23.90 -1.79 6.32
C LEU A 19 -23.97 -3.29 6.02
N PRO A 20 -24.66 -4.08 6.84
CA PRO A 20 -24.68 -5.52 6.63
C PRO A 20 -25.35 -5.90 5.31
N SER A 21 -25.12 -7.14 4.90
CA SER A 21 -25.66 -7.61 3.62
C SER A 21 -27.18 -7.61 3.62
N ASP A 22 -27.80 -7.95 4.76
CA ASP A 22 -29.25 -8.03 4.82
C ASP A 22 -29.91 -6.67 5.01
N PHE A 23 -29.14 -5.58 5.10
CA PHE A 23 -29.75 -4.25 5.18
C PHE A 23 -30.29 -3.82 3.82
N PHE A 24 -29.53 -4.07 2.76
CA PHE A 24 -29.88 -3.54 1.45
C PHE A 24 -31.10 -4.26 0.88
N PRO A 25 -31.91 -3.57 0.09
CA PRO A 25 -32.98 -4.23 -0.65
C PRO A 25 -32.40 -5.23 -1.64
N SER A 26 -33.28 -6.08 -2.17
CA SER A 26 -32.89 -6.93 -3.28
C SER A 26 -32.56 -6.08 -4.50
N VAL A 27 -31.75 -6.66 -5.40
CA VAL A 27 -31.39 -5.90 -6.60
C VAL A 27 -32.61 -5.67 -7.48
N ARG A 28 -33.58 -6.59 -7.45
CA ARG A 28 -34.82 -6.37 -8.19
C ARG A 28 -35.61 -5.20 -7.61
N ASP A 29 -35.67 -5.12 -6.28
CA ASP A 29 -36.35 -3.99 -5.65
C ASP A 29 -35.59 -2.69 -5.86
N LEU A 30 -34.26 -2.75 -5.97
CA LEU A 30 -33.48 -1.54 -6.19
C LEU A 30 -33.66 -1.02 -7.60
N LEU A 31 -33.70 -1.92 -8.60
CA LEU A 31 -33.91 -1.49 -9.97
C LEU A 31 -35.31 -0.91 -10.15
N ASP A 32 -36.31 -1.51 -9.51
CA ASP A 32 -37.67 -0.99 -9.62
C ASP A 32 -37.82 0.37 -8.96
N THR A 33 -37.02 0.64 -7.92
CA THR A 33 -37.07 1.94 -7.27
C THR A 33 -36.40 3.00 -8.12
N ALA A 34 -35.30 2.65 -8.81
CA ALA A 34 -34.67 3.60 -9.72
C ALA A 34 -35.59 3.94 -10.88
N ALA A 35 -36.36 2.95 -11.35
CA ALA A 35 -37.33 3.22 -12.42
C ALA A 35 -38.49 4.08 -11.91
N ALA A 36 -39.03 3.74 -10.74
CA ALA A 36 -40.18 4.46 -10.21
C ALA A 36 -39.85 5.94 -10.01
N LEU A 37 -38.75 6.23 -9.31
CA LEU A 37 -38.43 7.60 -8.95
C LEU A 37 -37.69 8.37 -10.03
N TYR A 38 -37.03 7.68 -10.98
CA TYR A 38 -36.10 8.40 -11.85
C TYR A 38 -36.07 7.88 -13.30
N ARG A 39 -37.11 7.18 -13.75
CA ARG A 39 -37.07 6.61 -15.10
C ARG A 39 -36.82 7.67 -16.15
N ASP A 40 -37.58 8.77 -16.09
CA ASP A 40 -37.47 9.80 -17.13
C ASP A 40 -36.12 10.49 -17.09
N ALA A 41 -35.57 10.73 -15.90
CA ALA A 41 -34.27 11.38 -15.82
C ALA A 41 -33.16 10.44 -16.25
N LEU A 42 -33.26 9.16 -15.91
CA LEU A 42 -32.22 8.21 -16.27
C LEU A 42 -32.20 7.93 -17.77
N GLU A 43 -33.34 8.09 -18.44
CA GLU A 43 -33.42 7.88 -19.89
C GLU A 43 -33.22 9.16 -20.68
N SER A 44 -33.18 10.32 -20.02
CA SER A 44 -33.06 11.58 -20.72
C SER A 44 -31.67 11.74 -21.31
N PRO A 45 -31.53 12.56 -22.37
CA PRO A 45 -30.19 12.80 -22.94
C PRO A 45 -29.42 13.87 -22.18
N GLU A 46 -29.54 13.86 -20.86
CA GLU A 46 -28.90 14.86 -20.01
C GLU A 46 -28.07 14.17 -18.94
N HIS A 47 -26.94 14.80 -18.58
CA HIS A 47 -26.13 14.29 -17.48
C HIS A 47 -26.93 14.28 -16.18
N CYS A 48 -27.72 15.33 -15.93
CA CYS A 48 -28.50 15.53 -14.72
C CYS A 48 -27.61 15.72 -13.49
N SER A 49 -26.83 14.70 -13.14
CA SER A 49 -25.96 14.74 -11.98
C SER A 49 -25.01 13.55 -12.05
N PRO A 50 -23.85 13.65 -11.42
CA PRO A 50 -22.93 12.50 -11.42
C PRO A 50 -23.53 11.24 -10.83
N HIS A 51 -24.45 11.37 -9.88
CA HIS A 51 -25.19 10.20 -9.42
C HIS A 51 -25.99 9.57 -10.55
N HIS A 52 -26.66 10.40 -11.35
CA HIS A 52 -27.41 9.89 -12.49
C HIS A 52 -26.50 9.14 -13.46
N THR A 53 -25.32 9.71 -13.75
CA THR A 53 -24.39 9.07 -14.66
C THR A 53 -23.93 7.73 -14.11
N ALA A 54 -23.51 7.69 -12.85
CA ALA A 54 -23.06 6.44 -12.24
C ALA A 54 -24.20 5.44 -12.14
N LEU A 55 -25.39 5.90 -11.74
CA LEU A 55 -26.54 4.99 -11.66
C LEU A 55 -26.91 4.43 -13.02
N ARG A 56 -26.70 5.20 -14.09
CA ARG A 56 -27.00 4.71 -15.43
C ARG A 56 -26.11 3.52 -15.80
N GLN A 57 -24.81 3.62 -15.49
CA GLN A 57 -23.89 2.53 -15.83
C GLN A 57 -24.15 1.31 -14.96
N ALA A 58 -24.45 1.52 -13.68
CA ALA A 58 -24.68 0.41 -12.76
C ALA A 58 -25.87 -0.43 -13.20
N ILE A 59 -26.97 0.21 -13.59
CA ILE A 59 -28.16 -0.52 -14.03
C ILE A 59 -27.82 -1.36 -15.26
N LEU A 60 -27.12 -0.76 -16.23
CA LEU A 60 -26.77 -1.49 -17.43
C LEU A 60 -25.75 -2.58 -17.14
N CYS A 61 -24.77 -2.29 -16.29
CA CYS A 61 -23.73 -3.29 -16.01
C CYS A 61 -24.31 -4.48 -15.24
N TRP A 62 -25.24 -4.22 -14.32
CA TRP A 62 -25.85 -5.34 -13.60
C TRP A 62 -26.62 -6.24 -14.55
N GLY A 63 -27.29 -5.66 -15.55
CA GLY A 63 -27.92 -6.47 -16.57
C GLY A 63 -26.93 -7.39 -17.27
N ASP A 64 -25.70 -6.89 -17.51
CA ASP A 64 -24.65 -7.72 -18.07
C ASP A 64 -24.28 -8.85 -17.11
N LEU A 65 -24.11 -8.52 -15.82
CA LEU A 65 -23.70 -9.51 -14.85
C LEU A 65 -24.83 -10.49 -14.52
N MET A 66 -26.08 -10.03 -14.58
CA MET A 66 -27.20 -10.91 -14.25
C MET A 66 -27.38 -11.99 -15.31
N THR A 67 -27.35 -11.60 -16.59
CA THR A 67 -27.52 -12.59 -17.65
C THR A 67 -26.33 -13.52 -17.78
N LEU A 68 -25.15 -13.12 -17.30
CA LEU A 68 -24.03 -14.05 -17.24
C LEU A 68 -24.19 -15.04 -16.10
N ALA A 69 -24.53 -14.54 -14.90
CA ALA A 69 -24.76 -15.42 -13.76
C ALA A 69 -25.96 -16.33 -13.99
N THR A 70 -27.01 -15.81 -14.62
CA THR A 70 -28.16 -16.64 -14.95
C THR A 70 -27.78 -17.70 -15.98
N TRP A 71 -26.97 -17.32 -16.99
CA TRP A 71 -26.53 -18.29 -17.99
C TRP A 71 -25.72 -19.40 -17.35
N VAL A 72 -24.81 -19.06 -16.44
CA VAL A 72 -24.05 -20.08 -15.72
C VAL A 72 -25.00 -20.96 -14.91
N GLY A 73 -26.02 -20.36 -14.30
CA GLY A 73 -26.94 -21.12 -13.47
C GLY A 73 -27.78 -22.10 -14.27
N THR A 74 -28.43 -21.63 -15.33
CA THR A 74 -29.32 -22.48 -16.11
C THR A 74 -28.58 -23.51 -16.95
N ASN A 75 -27.27 -23.34 -17.17
CA ASN A 75 -26.48 -24.32 -17.90
C ASN A 75 -25.84 -25.36 -16.99
N LEU A 76 -25.80 -25.13 -15.69
CA LEU A 76 -25.30 -26.12 -14.75
C LEU A 76 -26.29 -27.28 -14.63
N GLU A 77 -25.80 -28.40 -14.14
CA GLU A 77 -26.59 -29.62 -14.05
C GLU A 77 -26.78 -30.12 -12.63
N ASP A 78 -26.31 -29.37 -11.64
CA ASP A 78 -26.23 -29.86 -10.26
C ASP A 78 -26.72 -28.80 -9.30
N PRO A 79 -27.75 -29.09 -8.48
CA PRO A 79 -28.21 -28.08 -7.51
C PRO A 79 -27.12 -27.63 -6.55
N ALA A 80 -26.17 -28.52 -6.23
CA ALA A 80 -25.03 -28.10 -5.42
C ALA A 80 -24.14 -27.12 -6.18
N SER A 81 -23.87 -27.40 -7.45
CA SER A 81 -22.97 -26.56 -8.23
C SER A 81 -23.55 -25.17 -8.45
N ARG A 82 -24.87 -25.07 -8.66
CA ARG A 82 -25.47 -23.76 -8.90
C ARG A 82 -25.79 -23.02 -7.61
N ASP A 83 -25.87 -23.72 -6.47
CA ASP A 83 -25.89 -23.02 -5.19
C ASP A 83 -24.52 -22.40 -4.90
N LEU A 84 -23.45 -23.04 -5.36
CA LEU A 84 -22.12 -22.43 -5.27
C LEU A 84 -22.07 -21.10 -5.99
N VAL A 85 -22.66 -21.02 -7.19
CA VAL A 85 -22.60 -19.79 -7.98
C VAL A 85 -23.47 -18.71 -7.34
N VAL A 86 -24.68 -19.07 -6.91
CA VAL A 86 -25.56 -18.08 -6.27
C VAL A 86 -24.93 -17.56 -4.99
N SER A 87 -24.32 -18.45 -4.20
CA SER A 87 -23.65 -18.01 -2.97
C SER A 87 -22.43 -17.15 -3.27
N TYR A 88 -21.74 -17.41 -4.40
CA TYR A 88 -20.64 -16.54 -4.78
C TYR A 88 -21.14 -15.17 -5.23
N VAL A 89 -22.23 -15.15 -6.01
CA VAL A 89 -22.78 -13.88 -6.48
C VAL A 89 -23.29 -13.05 -5.31
N ASN A 90 -24.12 -13.67 -4.45
CA ASN A 90 -24.72 -12.95 -3.32
C ASN A 90 -23.66 -12.37 -2.39
N THR A 91 -22.51 -13.03 -2.28
CA THR A 91 -21.46 -12.56 -1.38
C THR A 91 -20.61 -11.47 -2.01
N ASN A 92 -20.40 -11.52 -3.34
CA ASN A 92 -19.41 -10.68 -3.99
C ASN A 92 -20.11 -9.69 -4.91
N VAL A 93 -20.20 -9.96 -6.22
CA VAL A 93 -20.66 -8.95 -7.15
C VAL A 93 -22.13 -8.61 -6.94
N GLY A 94 -22.94 -9.58 -6.52
CA GLY A 94 -24.34 -9.27 -6.20
C GLY A 94 -24.45 -8.29 -5.06
N LEU A 95 -23.66 -8.50 -4.00
CA LEU A 95 -23.66 -7.56 -2.89
C LEU A 95 -23.05 -6.23 -3.29
N LYS A 96 -22.01 -6.26 -4.12
CA LYS A 96 -21.35 -5.02 -4.54
C LYS A 96 -22.32 -4.10 -5.26
N PHE A 97 -23.15 -4.66 -6.16
CA PHE A 97 -24.06 -3.84 -6.92
C PHE A 97 -25.32 -3.48 -6.14
N ARG A 98 -25.69 -4.27 -5.14
CA ARG A 98 -26.74 -3.83 -4.24
C ARG A 98 -26.29 -2.62 -3.42
N GLN A 99 -25.01 -2.56 -3.09
CA GLN A 99 -24.48 -1.39 -2.38
C GLN A 99 -24.46 -0.16 -3.27
N LEU A 100 -23.92 -0.31 -4.48
CA LEU A 100 -23.77 0.84 -5.37
C LEU A 100 -25.12 1.34 -5.88
N LEU A 101 -26.04 0.41 -6.17
CA LEU A 101 -27.39 0.83 -6.55
C LEU A 101 -28.11 1.52 -5.40
N TRP A 102 -27.92 1.02 -4.17
CA TRP A 102 -28.54 1.66 -3.01
C TRP A 102 -27.93 3.03 -2.75
N PHE A 103 -26.60 3.14 -2.89
CA PHE A 103 -25.93 4.40 -2.56
C PHE A 103 -26.41 5.53 -3.46
N HIS A 104 -26.48 5.28 -4.78
CA HIS A 104 -26.81 6.35 -5.71
C HIS A 104 -28.30 6.67 -5.66
N ILE A 105 -29.15 5.65 -5.58
CA ILE A 105 -30.60 5.88 -5.49
C ILE A 105 -30.93 6.69 -4.25
N SER A 106 -30.38 6.28 -3.10
CA SER A 106 -30.67 6.98 -1.85
C SER A 106 -30.07 8.39 -1.86
N CYS A 107 -28.89 8.55 -2.43
CA CYS A 107 -28.27 9.87 -2.51
C CYS A 107 -29.14 10.81 -3.33
N LEU A 108 -29.71 10.33 -4.43
CA LEU A 108 -30.62 11.15 -5.22
C LEU A 108 -31.90 11.45 -4.47
N THR A 109 -32.29 10.58 -3.53
CA THR A 109 -33.56 10.72 -2.82
C THR A 109 -33.41 11.57 -1.56
N PHE A 110 -32.59 11.12 -0.62
CA PHE A 110 -32.48 11.76 0.69
C PHE A 110 -31.33 12.74 0.79
N GLY A 111 -30.41 12.75 -0.16
CA GLY A 111 -29.25 13.60 -0.04
C GLY A 111 -28.03 12.82 0.40
N ARG A 112 -26.87 13.22 -0.12
CA ARG A 112 -25.64 12.45 0.11
C ARG A 112 -25.23 12.48 1.58
N GLU A 113 -25.24 13.66 2.19
CA GLU A 113 -24.80 13.78 3.57
C GLU A 113 -25.82 13.20 4.54
N THR A 114 -27.10 13.29 4.21
CA THR A 114 -28.12 12.59 4.98
C THR A 114 -27.91 11.09 4.91
N VAL A 115 -27.56 10.59 3.72
CA VAL A 115 -27.34 9.16 3.53
C VAL A 115 -26.14 8.69 4.34
N LEU A 116 -25.06 9.48 4.35
CA LEU A 116 -23.84 9.03 5.01
C LEU A 116 -23.98 9.01 6.52
N GLU A 117 -24.58 10.05 7.10
CA GLU A 117 -24.78 10.04 8.55
C GLU A 117 -25.86 9.04 8.97
N TYR A 118 -26.73 8.63 8.06
CA TYR A 118 -27.58 7.48 8.33
C TYR A 118 -26.76 6.19 8.33
N LEU A 119 -25.79 6.10 7.41
CA LEU A 119 -24.99 4.89 7.28
C LEU A 119 -24.30 4.53 8.58
N VAL A 120 -23.59 5.50 9.19
CA VAL A 120 -22.91 5.22 10.44
C VAL A 120 -23.91 5.05 11.58
N SER A 121 -25.08 5.70 11.48
CA SER A 121 -26.07 5.59 12.55
C SER A 121 -26.68 4.20 12.60
N PHE A 122 -27.09 3.67 11.45
CA PHE A 122 -27.64 2.32 11.42
C PHE A 122 -26.58 1.27 11.66
N GLY A 123 -25.34 1.53 11.23
CA GLY A 123 -24.31 0.51 11.30
C GLY A 123 -23.97 0.12 12.73
N VAL A 124 -23.97 1.09 13.65
CA VAL A 124 -23.72 0.84 15.06
C VAL A 124 -25.02 0.44 15.78
N TRP A 125 -26.17 0.90 15.27
CA TRP A 125 -27.45 0.48 15.82
C TRP A 125 -27.65 -1.03 15.64
N ILE A 126 -27.45 -1.53 14.42
CA ILE A 126 -27.64 -2.94 14.14
C ILE A 126 -26.57 -3.80 14.80
N ARG A 127 -25.45 -3.21 15.19
CA ARG A 127 -24.41 -3.96 15.90
C ARG A 127 -24.60 -3.90 17.42
N THR A 128 -25.48 -3.04 17.91
CA THR A 128 -25.88 -3.10 19.30
C THR A 128 -26.73 -4.35 19.52
N PRO A 129 -26.42 -5.18 20.51
CA PRO A 129 -27.20 -6.40 20.72
C PRO A 129 -28.65 -6.07 21.00
N PRO A 130 -29.56 -6.99 20.69
CA PRO A 130 -31.00 -6.64 20.75
C PRO A 130 -31.50 -6.30 22.15
N ALA A 131 -30.89 -6.84 23.21
CA ALA A 131 -31.40 -6.56 24.55
C ALA A 131 -31.12 -5.13 24.98
N ALA A 132 -30.06 -4.52 24.44
CA ALA A 132 -29.74 -3.13 24.73
C ALA A 132 -30.14 -2.17 23.62
N ARG A 133 -30.44 -2.70 22.44
CA ARG A 133 -30.79 -1.86 21.30
C ARG A 133 -32.23 -1.39 21.41
N PRO A 134 -32.48 -0.09 21.31
CA PRO A 134 -33.87 0.40 21.23
C PRO A 134 -34.57 -0.22 20.03
N PRO A 135 -35.85 -0.55 20.16
CA PRO A 135 -36.54 -1.24 19.05
C PRO A 135 -36.70 -0.37 17.82
N ASN A 136 -36.54 0.93 17.94
CA ASN A 136 -36.74 1.86 16.84
C ASN A 136 -35.47 2.01 16.03
N ALA A 137 -35.52 1.61 14.76
CA ALA A 137 -34.39 1.80 13.88
C ALA A 137 -34.30 3.27 13.46
N PRO A 138 -33.10 3.79 13.25
CA PRO A 138 -32.97 5.17 12.78
C PRO A 138 -33.67 5.37 11.44
N ILE A 139 -34.17 6.58 11.23
CA ILE A 139 -34.98 6.89 10.05
C ILE A 139 -34.11 7.55 9.00
N LEU A 140 -34.53 7.43 7.75
CA LEU A 140 -33.82 7.99 6.60
C LEU A 140 -34.62 9.16 6.06
N SER A 141 -34.27 10.37 6.49
CA SER A 141 -34.86 11.60 5.97
C SER A 141 -34.07 12.81 6.43
N VAL A 149 -39.51 31.02 16.44
CA VAL A 149 -39.58 32.36 15.86
C VAL A 149 -39.76 33.40 16.96
N GLU A 150 -39.36 34.64 16.68
CA GLU A 150 -39.42 35.71 17.66
C GLU A 150 -40.73 36.50 17.52
N ASN A 151 -40.99 37.36 18.51
CA ASN A 151 -42.18 38.20 18.47
C ASN A 151 -42.13 39.19 17.33
N LEU A 152 -40.92 39.61 16.92
CA LEU A 152 -40.76 40.62 15.90
C LEU A 152 -41.30 40.17 14.54
N TYR A 153 -41.21 38.87 14.25
CA TYR A 153 -41.56 38.36 12.93
C TYR A 153 -43.03 38.59 12.58
N PHE A 154 -43.89 38.84 13.56
CA PHE A 154 -45.32 39.01 13.31
C PHE A 154 -45.77 40.47 13.36
N GLN A 155 -44.91 41.39 13.77
CA GLN A 155 -45.30 42.80 13.87
C GLN A 155 -44.89 43.59 12.63
N MET B 1 -35.57 -0.56 -17.65
CA MET B 1 -35.89 0.56 -18.53
C MET B 1 -35.22 0.40 -19.88
N ASP B 2 -35.10 1.52 -20.61
CA ASP B 2 -34.39 1.58 -21.89
C ASP B 2 -33.38 2.71 -21.78
N ILE B 3 -32.24 2.40 -21.15
CA ILE B 3 -31.19 3.38 -20.91
C ILE B 3 -30.13 3.23 -21.99
N ASP B 4 -29.84 4.32 -22.68
CA ASP B 4 -28.73 4.36 -23.64
C ASP B 4 -27.55 5.03 -22.96
N PRO B 5 -26.41 4.34 -22.80
CA PRO B 5 -25.28 4.95 -22.07
C PRO B 5 -24.65 6.13 -22.80
N TYR B 6 -24.95 6.33 -24.08
CA TYR B 6 -24.37 7.42 -24.86
C TYR B 6 -25.30 8.62 -25.00
N LYS B 7 -26.55 8.52 -24.56
CA LYS B 7 -27.51 9.59 -24.81
C LYS B 7 -27.15 10.86 -24.05
N GLU B 8 -26.72 10.73 -22.79
CA GLU B 8 -26.26 11.91 -22.06
C GLU B 8 -24.97 12.48 -22.63
N PHE B 9 -24.32 11.77 -23.55
CA PHE B 9 -23.09 12.24 -24.19
C PHE B 9 -23.31 12.60 -25.65
N GLY B 10 -24.55 12.83 -26.06
CA GLY B 10 -24.82 13.25 -27.43
C GLY B 10 -24.51 12.21 -28.49
N ALA B 11 -24.71 10.93 -28.17
CA ALA B 11 -24.52 9.85 -29.13
C ALA B 11 -25.53 8.76 -28.84
N THR B 12 -25.43 7.65 -29.58
CA THR B 12 -26.32 6.52 -29.40
C THR B 12 -25.55 5.22 -29.59
N VAL B 13 -26.15 4.13 -29.11
CA VAL B 13 -25.57 2.81 -29.32
C VAL B 13 -25.48 2.50 -30.81
N GLU B 14 -26.53 2.87 -31.57
CA GLU B 14 -26.51 2.64 -33.01
C GLU B 14 -25.42 3.45 -33.69
N LEU B 15 -25.19 4.68 -33.23
CA LEU B 15 -24.13 5.50 -33.81
C LEU B 15 -22.76 4.89 -33.58
N LEU B 16 -22.52 4.38 -32.37
CA LEU B 16 -21.25 3.72 -32.10
C LEU B 16 -21.10 2.44 -32.91
N SER B 17 -22.21 1.78 -33.23
CA SER B 17 -22.17 0.59 -34.06
C SER B 17 -21.83 0.88 -35.51
N PHE B 18 -21.84 2.16 -35.92
CA PHE B 18 -21.41 2.51 -37.27
C PHE B 18 -19.94 2.18 -37.49
N LEU B 19 -19.14 2.20 -36.43
CA LEU B 19 -17.74 1.80 -36.51
C LEU B 19 -17.64 0.28 -36.56
N PRO B 20 -16.79 -0.26 -37.43
CA PRO B 20 -16.70 -1.72 -37.56
C PRO B 20 -16.16 -2.36 -36.30
N SER B 21 -16.44 -3.66 -36.15
CA SER B 21 -16.02 -4.39 -34.96
C SER B 21 -14.50 -4.38 -34.82
N ASP B 22 -13.78 -4.45 -35.94
CA ASP B 22 -12.33 -4.52 -35.91
C ASP B 22 -11.66 -3.17 -35.77
N PHE B 23 -12.43 -2.07 -35.68
CA PHE B 23 -11.82 -0.76 -35.54
C PHE B 23 -11.32 -0.51 -34.12
N PHE B 24 -12.04 -1.01 -33.12
CA PHE B 24 -11.73 -0.72 -31.73
C PHE B 24 -10.52 -1.51 -31.26
N PRO B 25 -9.70 -0.93 -30.39
CA PRO B 25 -8.61 -1.69 -29.76
C PRO B 25 -9.18 -2.79 -28.86
N SER B 26 -8.29 -3.68 -28.45
CA SER B 26 -8.68 -4.72 -27.52
C SER B 26 -9.06 -4.10 -26.17
N VAL B 27 -9.71 -4.91 -25.33
CA VAL B 27 -10.09 -4.41 -24.01
C VAL B 27 -8.85 -4.09 -23.18
N ARG B 28 -7.84 -4.96 -23.23
CA ARG B 28 -6.64 -4.73 -22.44
C ARG B 28 -5.89 -3.49 -22.93
N ASP B 29 -5.87 -3.25 -24.24
CA ASP B 29 -5.21 -2.06 -24.76
C ASP B 29 -5.94 -0.80 -24.32
N LEU B 30 -7.28 -0.86 -24.24
CA LEU B 30 -8.05 0.28 -23.76
C LEU B 30 -7.83 0.50 -22.26
N LEU B 31 -7.83 -0.59 -21.48
CA LEU B 31 -7.57 -0.47 -20.05
C LEU B 31 -6.16 0.04 -19.79
N ASP B 32 -5.18 -0.46 -20.53
CA ASP B 32 -3.81 0.03 -20.38
C ASP B 32 -3.69 1.48 -20.80
N THR B 33 -4.46 1.91 -21.79
CA THR B 33 -4.43 3.30 -22.22
C THR B 33 -5.05 4.22 -21.17
N ALA B 34 -6.20 3.84 -20.63
CA ALA B 34 -6.86 4.66 -19.62
C ALA B 34 -5.98 4.84 -18.39
N ALA B 35 -5.26 3.78 -18.00
CA ALA B 35 -4.35 3.89 -16.87
C ALA B 35 -3.18 4.80 -17.20
N ALA B 36 -2.60 4.64 -18.39
CA ALA B 36 -1.44 5.44 -18.75
C ALA B 36 -1.79 6.93 -18.81
N LEU B 37 -2.95 7.27 -19.37
CA LEU B 37 -3.31 8.65 -19.60
C LEU B 37 -4.09 9.29 -18.45
N TYR B 38 -4.79 8.50 -17.62
CA TYR B 38 -5.74 9.11 -16.70
C TYR B 38 -5.80 8.45 -15.32
N ARG B 39 -4.78 7.70 -14.92
CA ARG B 39 -4.87 6.98 -13.65
C ARG B 39 -5.01 7.94 -12.47
N ASP B 40 -4.23 9.02 -12.48
CA ASP B 40 -4.33 10.00 -11.39
C ASP B 40 -5.72 10.62 -11.34
N ALA B 41 -6.26 10.97 -12.51
CA ALA B 41 -7.60 11.56 -12.54
C ALA B 41 -8.67 10.54 -12.17
N LEU B 42 -8.52 9.30 -12.65
CA LEU B 42 -9.54 8.28 -12.40
C LEU B 42 -9.59 7.86 -10.94
N GLU B 43 -8.48 7.96 -10.22
CA GLU B 43 -8.43 7.63 -8.81
C GLU B 43 -8.65 8.84 -7.90
N SER B 44 -8.86 10.02 -8.46
CA SER B 44 -8.97 11.23 -7.68
C SER B 44 -10.37 11.36 -7.06
N PRO B 45 -10.48 12.06 -5.93
CA PRO B 45 -11.80 12.30 -5.32
C PRO B 45 -12.63 13.36 -6.05
N GLU B 46 -12.24 13.77 -7.24
CA GLU B 46 -12.97 14.76 -8.02
C GLU B 46 -13.74 14.07 -9.14
N HIS B 47 -14.96 14.55 -9.39
CA HIS B 47 -15.73 14.04 -10.54
C HIS B 47 -14.96 14.22 -11.84
N CYS B 48 -14.23 15.33 -11.96
CA CYS B 48 -13.47 15.70 -13.16
C CYS B 48 -14.38 15.99 -14.33
N SER B 49 -15.19 15.02 -14.74
CA SER B 49 -16.10 15.17 -15.86
C SER B 49 -17.07 14.00 -15.86
N PRO B 50 -18.22 14.14 -16.54
CA PRO B 50 -19.10 12.97 -16.72
C PRO B 50 -18.43 11.82 -17.45
N HIS B 51 -17.47 12.11 -18.33
CA HIS B 51 -16.71 11.04 -18.97
C HIS B 51 -15.88 10.26 -17.96
N HIS B 52 -15.31 10.96 -16.97
CA HIS B 52 -14.56 10.27 -15.93
C HIS B 52 -15.47 9.35 -15.10
N THR B 53 -16.66 9.83 -14.76
CA THR B 53 -17.59 9.02 -13.99
C THR B 53 -17.99 7.76 -14.73
N ALA B 54 -18.38 7.91 -16.01
CA ALA B 54 -18.76 6.75 -16.81
C ALA B 54 -17.58 5.80 -16.97
N LEU B 55 -16.41 6.33 -17.33
CA LEU B 55 -15.23 5.50 -17.54
C LEU B 55 -14.83 4.78 -16.25
N ARG B 56 -15.07 5.39 -15.09
CA ARG B 56 -14.76 4.74 -13.82
C ARG B 56 -15.63 3.50 -13.62
N GLN B 57 -16.93 3.60 -13.93
CA GLN B 57 -17.80 2.44 -13.78
C GLN B 57 -17.46 1.35 -14.79
N ALA B 58 -17.18 1.75 -16.04
CA ALA B 58 -16.95 0.76 -17.09
C ALA B 58 -15.70 -0.06 -16.82
N ILE B 59 -14.63 0.58 -16.33
CA ILE B 59 -13.41 -0.14 -15.98
C ILE B 59 -13.70 -1.15 -14.87
N LEU B 60 -14.36 -0.70 -13.81
CA LEU B 60 -14.68 -1.59 -12.69
C LEU B 60 -15.64 -2.70 -13.12
N CYS B 61 -16.63 -2.36 -13.93
CA CYS B 61 -17.64 -3.34 -14.34
C CYS B 61 -17.01 -4.47 -15.14
N TRP B 62 -16.21 -4.13 -16.15
CA TRP B 62 -15.54 -5.17 -16.94
C TRP B 62 -14.66 -6.04 -16.04
N GLY B 63 -14.05 -5.44 -15.02
CA GLY B 63 -13.33 -6.23 -14.04
C GLY B 63 -14.22 -7.22 -13.31
N ASP B 64 -15.42 -6.78 -12.93
CA ASP B 64 -16.37 -7.68 -12.28
C ASP B 64 -16.78 -8.81 -13.21
N LEU B 65 -16.99 -8.49 -14.49
CA LEU B 65 -17.34 -9.54 -15.45
C LEU B 65 -16.22 -10.55 -15.60
N MET B 66 -14.97 -10.08 -15.65
CA MET B 66 -13.84 -11.00 -15.78
C MET B 66 -13.61 -11.76 -14.48
N THR B 67 -13.81 -11.10 -13.34
CA THR B 67 -13.67 -11.79 -12.06
C THR B 67 -14.68 -12.92 -11.93
N LEU B 68 -15.94 -12.65 -12.28
CA LEU B 68 -16.97 -13.68 -12.17
C LEU B 68 -16.75 -14.80 -13.19
N ALA B 69 -16.41 -14.45 -14.43
CA ALA B 69 -16.21 -15.47 -15.45
C ALA B 69 -14.98 -16.32 -15.16
N THR B 70 -13.94 -15.71 -14.59
CA THR B 70 -12.75 -16.48 -14.25
C THR B 70 -13.00 -17.41 -13.07
N TRP B 71 -13.73 -16.93 -12.06
CA TRP B 71 -14.03 -17.78 -10.90
C TRP B 71 -14.86 -18.98 -11.31
N VAL B 72 -15.88 -18.78 -12.14
CA VAL B 72 -16.66 -19.89 -12.67
C VAL B 72 -15.77 -20.86 -13.45
N GLY B 73 -14.75 -20.32 -14.13
CA GLY B 73 -13.85 -21.19 -14.88
C GLY B 73 -13.03 -22.10 -13.99
N THR B 74 -12.50 -21.57 -12.88
CA THR B 74 -11.68 -22.37 -11.98
C THR B 74 -12.46 -23.47 -11.28
N ASN B 75 -13.79 -23.53 -11.46
CA ASN B 75 -14.60 -24.59 -10.89
C ASN B 75 -14.90 -25.70 -11.88
N LEU B 76 -14.86 -25.42 -13.18
CA LEU B 76 -15.20 -26.42 -14.18
C LEU B 76 -14.20 -27.57 -14.15
N GLU B 77 -14.71 -28.79 -14.31
CA GLU B 77 -13.86 -29.97 -14.18
C GLU B 77 -12.90 -30.10 -15.36
N ASP B 78 -13.38 -29.87 -16.57
CA ASP B 78 -12.54 -29.98 -17.76
C ASP B 78 -11.57 -28.81 -17.82
N PRO B 79 -10.26 -29.04 -17.77
CA PRO B 79 -9.32 -27.92 -17.90
C PRO B 79 -9.40 -27.22 -19.24
N ALA B 80 -9.82 -27.93 -20.29
CA ALA B 80 -10.06 -27.29 -21.58
C ALA B 80 -11.25 -26.34 -21.55
N SER B 81 -12.03 -26.34 -20.47
CA SER B 81 -13.12 -25.41 -20.27
C SER B 81 -12.76 -24.27 -19.34
N ARG B 82 -11.48 -24.14 -18.98
CA ARG B 82 -11.06 -23.16 -17.98
C ARG B 82 -11.39 -21.74 -18.41
N ASP B 83 -11.23 -21.44 -19.71
CA ASP B 83 -11.48 -20.11 -20.23
C ASP B 83 -12.77 -20.04 -21.05
N LEU B 84 -13.64 -21.04 -20.93
CA LEU B 84 -14.84 -21.08 -21.75
C LEU B 84 -15.81 -19.95 -21.38
N VAL B 85 -16.01 -19.71 -20.09
CA VAL B 85 -16.94 -18.66 -19.68
C VAL B 85 -16.36 -17.28 -19.99
N VAL B 86 -15.04 -17.12 -19.87
CA VAL B 86 -14.42 -15.85 -20.25
C VAL B 86 -14.59 -15.61 -21.75
N SER B 87 -14.52 -16.68 -22.54
CA SER B 87 -14.69 -16.54 -23.99
C SER B 87 -16.12 -16.14 -24.34
N TYR B 88 -17.11 -16.70 -23.62
CA TYR B 88 -18.51 -16.31 -23.84
C TYR B 88 -18.70 -14.82 -23.56
N VAL B 89 -18.06 -14.31 -22.50
CA VAL B 89 -18.20 -12.91 -22.15
C VAL B 89 -17.60 -12.03 -23.24
N ASN B 90 -16.44 -12.42 -23.77
CA ASN B 90 -15.77 -11.60 -24.78
C ASN B 90 -16.52 -11.59 -26.10
N THR B 91 -17.25 -12.66 -26.42
CA THR B 91 -18.04 -12.69 -27.64
C THR B 91 -19.41 -12.07 -27.48
N ASN B 92 -20.00 -12.17 -26.29
CA ASN B 92 -21.34 -11.64 -26.05
C ASN B 92 -21.35 -10.16 -25.66
N VAL B 93 -20.31 -9.70 -24.97
CA VAL B 93 -20.33 -8.34 -24.41
C VAL B 93 -18.98 -7.66 -24.62
N GLY B 94 -18.02 -8.38 -25.20
CA GLY B 94 -16.70 -7.81 -25.39
C GLY B 94 -16.71 -6.58 -26.27
N LEU B 95 -17.45 -6.63 -27.38
CA LEU B 95 -17.53 -5.48 -28.27
C LEU B 95 -18.24 -4.31 -27.60
N LYS B 96 -19.24 -4.59 -26.78
CA LYS B 96 -20.00 -3.53 -26.13
C LYS B 96 -19.11 -2.66 -25.25
N PHE B 97 -18.25 -3.30 -24.45
CA PHE B 97 -17.37 -2.55 -23.58
C PHE B 97 -16.21 -1.92 -24.35
N ARG B 98 -15.77 -2.57 -25.44
CA ARG B 98 -14.74 -1.95 -26.28
C ARG B 98 -15.24 -0.65 -26.88
N GLN B 99 -16.51 -0.62 -27.31
CA GLN B 99 -17.12 0.64 -27.76
C GLN B 99 -17.16 1.65 -26.62
N LEU B 100 -17.61 1.20 -25.43
CA LEU B 100 -17.84 2.12 -24.31
C LEU B 100 -16.53 2.72 -23.81
N LEU B 101 -15.51 1.87 -23.61
CA LEU B 101 -14.22 2.35 -23.11
C LEU B 101 -13.50 3.21 -24.14
N TRP B 102 -13.61 2.86 -25.42
CA TRP B 102 -13.01 3.68 -26.45
C TRP B 102 -13.68 5.05 -26.53
N PHE B 103 -15.00 5.08 -26.42
CA PHE B 103 -15.72 6.34 -26.55
C PHE B 103 -15.30 7.34 -25.49
N HIS B 104 -15.18 6.89 -24.24
CA HIS B 104 -14.87 7.81 -23.15
C HIS B 104 -13.39 8.15 -23.10
N ILE B 105 -12.51 7.19 -23.40
CA ILE B 105 -11.08 7.46 -23.45
C ILE B 105 -10.78 8.47 -24.54
N SER B 106 -11.37 8.29 -25.72
CA SER B 106 -11.08 9.18 -26.84
C SER B 106 -11.69 10.57 -26.61
N CYS B 107 -12.90 10.63 -26.05
CA CYS B 107 -13.54 11.92 -25.80
C CYS B 107 -12.73 12.76 -24.83
N LEU B 108 -12.10 12.12 -23.84
CA LEU B 108 -11.23 12.84 -22.93
C LEU B 108 -9.92 13.24 -23.60
N THR B 109 -9.48 12.46 -24.60
CA THR B 109 -8.22 12.72 -25.28
C THR B 109 -8.35 13.72 -26.42
N PHE B 110 -9.45 13.66 -27.18
CA PHE B 110 -9.59 14.47 -28.38
C PHE B 110 -10.75 15.45 -28.34
N GLY B 111 -11.67 15.32 -27.39
CA GLY B 111 -12.85 16.16 -27.37
C GLY B 111 -14.04 15.44 -28.00
N ARG B 112 -15.23 15.63 -27.40
CA ARG B 112 -16.39 14.85 -27.81
C ARG B 112 -16.79 15.15 -29.26
N GLU B 113 -16.90 16.44 -29.60
CA GLU B 113 -17.30 16.81 -30.96
C GLU B 113 -16.29 16.31 -31.99
N THR B 114 -15.01 16.36 -31.65
CA THR B 114 -13.98 15.81 -32.54
C THR B 114 -14.16 14.29 -32.70
N VAL B 115 -14.48 13.60 -31.61
CA VAL B 115 -14.64 12.15 -31.67
C VAL B 115 -15.86 11.78 -32.51
N LEU B 116 -16.97 12.48 -32.31
CA LEU B 116 -18.17 12.19 -33.10
C LEU B 116 -17.97 12.51 -34.57
N GLU B 117 -17.28 13.62 -34.87
CA GLU B 117 -16.94 13.94 -36.25
C GLU B 117 -16.12 12.83 -36.88
N TYR B 118 -15.08 12.36 -36.18
CA TYR B 118 -14.25 11.29 -36.70
C TYR B 118 -15.05 10.01 -36.89
N LEU B 119 -16.04 9.76 -36.03
CA LEU B 119 -16.81 8.53 -36.10
C LEU B 119 -17.48 8.37 -37.46
N VAL B 120 -18.21 9.41 -37.89
CA VAL B 120 -18.91 9.32 -39.18
C VAL B 120 -17.93 9.47 -40.32
N SER B 121 -16.81 10.18 -40.11
CA SER B 121 -15.82 10.32 -41.18
C SER B 121 -15.15 8.98 -41.48
N PHE B 122 -14.83 8.20 -40.44
CA PHE B 122 -14.19 6.91 -40.65
C PHE B 122 -15.18 5.85 -41.08
N GLY B 123 -16.43 5.91 -40.60
CA GLY B 123 -17.43 4.93 -41.00
C GLY B 123 -17.75 4.98 -42.48
N VAL B 124 -17.73 6.17 -43.07
CA VAL B 124 -17.92 6.29 -44.53
C VAL B 124 -16.65 5.87 -45.25
N TRP B 125 -15.48 6.16 -44.68
CA TRP B 125 -14.21 5.81 -45.31
C TRP B 125 -14.03 4.29 -45.40
N ILE B 126 -14.29 3.59 -44.30
CA ILE B 126 -14.05 2.14 -44.26
C ILE B 126 -15.06 1.41 -45.14
N ARG B 127 -16.26 1.97 -45.33
CA ARG B 127 -17.26 1.33 -46.18
C ARG B 127 -17.05 1.64 -47.66
N THR B 128 -16.21 2.61 -47.99
CA THR B 128 -15.82 2.82 -49.37
C THR B 128 -14.99 1.62 -49.84
N PRO B 129 -15.37 0.97 -50.95
CA PRO B 129 -14.56 -0.13 -51.47
C PRO B 129 -13.12 0.31 -51.69
N PRO B 130 -12.15 -0.57 -51.45
CA PRO B 130 -10.74 -0.13 -51.39
C PRO B 130 -10.23 0.47 -52.68
N ALA B 131 -10.81 0.10 -53.83
CA ALA B 131 -10.34 0.66 -55.10
C ALA B 131 -10.56 2.16 -55.16
N ALA B 132 -11.70 2.64 -54.66
CA ALA B 132 -11.99 4.06 -54.61
C ALA B 132 -11.55 4.71 -53.30
N ARG B 133 -11.22 3.92 -52.30
CA ARG B 133 -10.86 4.47 -51.00
C ARG B 133 -9.46 5.07 -51.04
N PRO B 134 -9.29 6.33 -50.63
CA PRO B 134 -7.95 6.90 -50.48
C PRO B 134 -7.12 6.10 -49.49
N PRO B 135 -5.79 6.17 -49.59
CA PRO B 135 -4.97 5.37 -48.66
C PRO B 135 -4.97 5.93 -47.25
N ASN B 136 -4.89 7.25 -47.09
CA ASN B 136 -4.79 7.86 -45.77
C ASN B 136 -6.17 7.90 -45.12
N ALA B 137 -6.33 7.12 -44.05
CA ALA B 137 -7.56 7.14 -43.28
C ALA B 137 -7.76 8.53 -42.65
N PRO B 138 -8.98 8.87 -42.26
CA PRO B 138 -9.20 10.15 -41.58
C PRO B 138 -8.42 10.21 -40.28
N ILE B 139 -7.86 11.38 -40.00
CA ILE B 139 -7.00 11.58 -38.84
C ILE B 139 -7.86 12.02 -37.65
N LEU B 140 -7.62 11.41 -36.49
CA LEU B 140 -8.28 11.77 -35.24
C LEU B 140 -7.26 12.49 -34.37
N SER B 141 -7.45 13.79 -34.19
CA SER B 141 -6.52 14.59 -33.41
C SER B 141 -7.27 15.76 -32.77
N THR B 142 -6.66 16.34 -31.75
CA THR B 142 -7.27 17.43 -31.01
C THR B 142 -7.20 18.74 -31.80
N LEU B 143 -8.27 19.52 -31.72
CA LEU B 143 -8.28 20.84 -32.33
C LEU B 143 -7.33 21.78 -31.58
N PRO B 144 -6.76 22.77 -32.27
CA PRO B 144 -5.80 23.67 -31.60
C PRO B 144 -6.45 24.51 -30.52
N GLU B 145 -5.66 24.82 -29.49
CA GLU B 145 -6.17 25.55 -28.34
C GLU B 145 -6.77 26.90 -28.74
N THR B 146 -6.05 27.66 -29.56
CA THR B 146 -6.52 28.94 -30.07
C THR B 146 -6.58 28.89 -31.60
N THR B 147 -7.55 29.59 -32.15
CA THR B 147 -7.79 29.55 -33.58
C THR B 147 -6.83 30.49 -34.32
N VAL B 148 -6.81 30.36 -35.65
CA VAL B 148 -5.92 31.18 -36.47
C VAL B 148 -6.39 32.63 -36.47
N VAL B 149 -7.71 32.85 -36.45
CA VAL B 149 -8.24 34.20 -36.40
C VAL B 149 -7.79 34.89 -35.12
N GLU B 150 -7.72 34.15 -34.02
CA GLU B 150 -7.28 34.72 -32.75
C GLU B 150 -5.81 35.10 -32.80
N ASN B 151 -4.97 34.23 -33.38
CA ASN B 151 -3.54 34.49 -33.40
C ASN B 151 -3.22 35.71 -34.26
N LEU B 152 -3.87 35.84 -35.41
CA LEU B 152 -3.65 37.02 -36.25
C LEU B 152 -4.15 38.30 -35.57
N TYR B 153 -5.20 38.19 -34.76
CA TYR B 153 -5.69 39.34 -34.02
C TYR B 153 -4.59 39.92 -33.11
N PHE B 154 -4.08 39.10 -32.20
CA PHE B 154 -3.09 39.55 -31.23
C PHE B 154 -1.70 39.74 -31.83
N GLN B 155 -1.57 39.72 -33.15
CA GLN B 155 -0.31 40.05 -33.80
C GLN B 155 -0.05 41.56 -33.69
N MET C 1 12.31 -2.13 0.49
CA MET C 1 12.12 -0.73 0.10
C MET C 1 11.53 -0.63 -1.31
N ASP C 2 10.41 0.09 -1.42
CA ASP C 2 9.71 0.24 -2.69
C ASP C 2 10.24 1.49 -3.39
N ILE C 3 11.23 1.29 -4.25
CA ILE C 3 11.86 2.37 -4.99
C ILE C 3 11.49 2.26 -6.47
N ASP C 4 11.03 3.37 -7.05
CA ASP C 4 10.78 3.44 -8.48
C ASP C 4 11.96 4.09 -9.16
N PRO C 5 12.70 3.39 -10.04
CA PRO C 5 13.89 4.00 -10.66
C PRO C 5 13.57 5.23 -11.49
N TYR C 6 12.35 5.35 -12.00
CA TYR C 6 11.97 6.47 -12.86
C TYR C 6 11.38 7.65 -12.09
N LYS C 7 11.12 7.48 -10.79
CA LYS C 7 10.37 8.50 -10.06
C LYS C 7 11.13 9.82 -9.98
N GLU C 8 12.43 9.76 -9.67
CA GLU C 8 13.21 10.99 -9.60
C GLU C 8 13.38 11.65 -10.96
N PHE C 9 13.05 10.96 -12.05
CA PHE C 9 13.17 11.50 -13.39
C PHE C 9 11.83 11.87 -14.01
N GLY C 10 10.76 11.87 -13.22
CA GLY C 10 9.48 12.34 -13.72
C GLY C 10 8.64 11.30 -14.43
N ALA C 11 8.89 10.02 -14.18
CA ALA C 11 8.13 8.94 -14.80
C ALA C 11 7.88 7.86 -13.77
N THR C 12 7.22 6.79 -14.19
CA THR C 12 6.92 5.66 -13.32
C THR C 12 7.17 4.35 -14.06
N VAL C 13 7.31 3.28 -13.29
CA VAL C 13 7.38 1.94 -13.87
C VAL C 13 6.11 1.64 -14.65
N GLU C 14 4.96 2.06 -14.11
CA GLU C 14 3.69 1.82 -14.78
C GLU C 14 3.63 2.53 -16.12
N LEU C 15 4.13 3.76 -16.18
CA LEU C 15 4.11 4.52 -17.43
C LEU C 15 5.02 3.90 -18.47
N LEU C 16 6.18 3.38 -18.05
CA LEU C 16 7.09 2.73 -18.98
C LEU C 16 6.49 1.43 -19.54
N SER C 17 5.68 0.73 -18.73
CA SER C 17 5.03 -0.48 -19.20
C SER C 17 4.01 -0.22 -20.30
N PHE C 18 3.65 1.04 -20.54
CA PHE C 18 2.72 1.34 -21.62
C PHE C 18 3.34 1.06 -22.98
N LEU C 19 4.65 1.19 -23.10
CA LEU C 19 5.32 0.79 -24.34
C LEU C 19 5.40 -0.72 -24.41
N PRO C 20 4.95 -1.34 -25.52
CA PRO C 20 5.00 -2.80 -25.62
C PRO C 20 6.43 -3.32 -25.56
N SER C 21 6.55 -4.58 -25.15
CA SER C 21 7.87 -5.17 -24.95
C SER C 21 8.65 -5.33 -26.25
N ASP C 22 7.98 -5.32 -27.40
CA ASP C 22 8.65 -5.43 -28.69
C ASP C 22 9.05 -4.08 -29.26
N PHE C 23 8.80 -2.99 -28.53
CA PHE C 23 9.21 -1.66 -29.01
C PHE C 23 10.68 -1.40 -28.72
N PHE C 24 11.16 -1.88 -27.58
CA PHE C 24 12.51 -1.55 -27.15
C PHE C 24 13.54 -2.34 -27.95
N PRO C 25 14.70 -1.75 -28.25
CA PRO C 25 15.79 -2.52 -28.84
C PRO C 25 16.34 -3.50 -27.82
N SER C 26 17.23 -4.37 -28.31
CA SER C 26 17.91 -5.29 -27.40
C SER C 26 18.83 -4.52 -26.46
N VAL C 27 19.19 -5.17 -25.35
CA VAL C 27 20.17 -4.58 -24.44
C VAL C 27 21.47 -4.32 -25.17
N ARG C 28 21.87 -5.24 -26.06
CA ARG C 28 23.11 -5.09 -26.80
C ARG C 28 23.07 -3.86 -27.68
N ASP C 29 22.00 -3.70 -28.46
CA ASP C 29 21.87 -2.51 -29.29
C ASP C 29 21.74 -1.25 -28.45
N LEU C 30 21.16 -1.37 -27.26
CA LEU C 30 21.04 -0.21 -26.38
C LEU C 30 22.39 0.13 -25.75
N LEU C 31 23.15 -0.87 -25.32
CA LEU C 31 24.48 -0.61 -24.78
C LEU C 31 25.42 -0.07 -25.86
N ASP C 32 25.32 -0.62 -27.07
CA ASP C 32 26.13 -0.11 -28.17
C ASP C 32 25.78 1.34 -28.51
N THR C 33 24.52 1.71 -28.33
CA THR C 33 24.11 3.09 -28.58
C THR C 33 24.68 4.03 -27.52
N ALA C 34 24.64 3.62 -26.25
CA ALA C 34 25.20 4.44 -25.19
C ALA C 34 26.70 4.61 -25.37
N ALA C 35 27.38 3.60 -25.90
CA ALA C 35 28.82 3.71 -26.14
C ALA C 35 29.12 4.67 -27.28
N ALA C 36 28.38 4.53 -28.39
CA ALA C 36 28.64 5.38 -29.55
C ALA C 36 28.32 6.85 -29.25
N LEU C 37 27.34 7.11 -28.40
CA LEU C 37 26.84 8.45 -28.18
C LEU C 37 27.40 9.10 -26.92
N TYR C 38 27.79 8.31 -25.90
CA TYR C 38 28.12 8.90 -24.60
C TYR C 38 29.29 8.23 -23.90
N ARG C 39 30.19 7.55 -24.62
CA ARG C 39 31.28 6.84 -23.95
C ARG C 39 32.16 7.80 -23.16
N ASP C 40 32.50 8.96 -23.75
CA ASP C 40 33.38 9.90 -23.07
C ASP C 40 32.71 10.51 -21.84
N ALA C 41 31.43 10.86 -21.95
CA ALA C 41 30.72 11.38 -20.79
C ALA C 41 30.56 10.32 -19.71
N LEU C 42 30.21 9.09 -20.10
CA LEU C 42 29.96 8.04 -19.12
C LEU C 42 31.23 7.60 -18.42
N GLU C 43 32.38 7.70 -19.07
CA GLU C 43 33.66 7.31 -18.48
C GLU C 43 34.37 8.47 -17.79
N SER C 44 33.82 9.69 -17.86
CA SER C 44 34.47 10.86 -17.31
C SER C 44 34.26 10.95 -15.79
N PRO C 45 35.09 11.72 -15.10
CA PRO C 45 34.93 11.90 -13.65
C PRO C 45 33.87 12.91 -13.25
N GLU C 46 33.03 13.38 -14.18
CA GLU C 46 31.99 14.34 -13.88
C GLU C 46 30.63 13.66 -13.84
N HIS C 47 29.76 14.14 -12.94
CA HIS C 47 28.39 13.63 -12.89
C HIS C 47 27.69 13.82 -14.23
N CYS C 48 27.88 14.99 -14.85
CA CYS C 48 27.23 15.39 -16.10
C CYS C 48 25.74 15.64 -15.88
N SER C 49 25.01 14.63 -15.42
CA SER C 49 23.59 14.75 -15.15
C SER C 49 23.14 13.51 -14.38
N PRO C 50 22.02 13.61 -13.65
CA PRO C 50 21.48 12.41 -13.00
C PRO C 50 21.17 11.29 -13.98
N HIS C 51 20.86 11.62 -15.23
CA HIS C 51 20.67 10.59 -16.24
C HIS C 51 21.97 9.82 -16.48
N HIS C 52 23.10 10.53 -16.48
CA HIS C 52 24.39 9.85 -16.65
C HIS C 52 24.69 8.95 -15.45
N THR C 53 24.43 9.43 -14.23
CA THR C 53 24.69 8.64 -13.04
C THR C 53 23.86 7.37 -13.05
N ALA C 54 22.56 7.49 -13.34
CA ALA C 54 21.69 6.32 -13.40
C ALA C 54 22.10 5.39 -14.53
N LEU C 55 22.42 5.94 -15.70
CA LEU C 55 22.84 5.12 -16.83
C LEU C 55 24.14 4.39 -16.53
N ARG C 56 25.05 5.03 -15.78
CA ARG C 56 26.32 4.38 -15.44
C ARG C 56 26.08 3.11 -14.62
N GLN C 57 25.23 3.19 -13.59
CA GLN C 57 24.94 2.02 -12.78
C GLN C 57 24.27 0.92 -13.59
N ALA C 58 23.33 1.30 -14.46
CA ALA C 58 22.57 0.30 -15.22
C ALA C 58 23.49 -0.48 -16.15
N ILE C 59 24.44 0.19 -16.79
CA ILE C 59 25.39 -0.50 -17.66
C ILE C 59 26.20 -1.52 -16.87
N LEU C 60 26.71 -1.11 -15.70
CA LEU C 60 27.50 -2.02 -14.88
C LEU C 60 26.64 -3.14 -14.30
N CYS C 61 25.41 -2.83 -13.91
CA CYS C 61 24.55 -3.84 -13.32
C CYS C 61 24.19 -4.93 -14.32
N TRP C 62 23.99 -4.55 -15.59
CA TRP C 62 23.75 -5.57 -16.61
C TRP C 62 24.97 -6.46 -16.79
N GLY C 63 26.17 -5.90 -16.66
CA GLY C 63 27.36 -6.73 -16.66
C GLY C 63 27.36 -7.74 -15.54
N ASP C 64 27.01 -7.29 -14.33
CA ASP C 64 26.91 -8.20 -13.19
C ASP C 64 25.84 -9.28 -13.44
N LEU C 65 24.70 -8.89 -14.00
CA LEU C 65 23.62 -9.84 -14.23
C LEU C 65 23.98 -10.87 -15.29
N MET C 66 24.73 -10.48 -16.32
CA MET C 66 25.07 -11.41 -17.39
C MET C 66 26.21 -12.33 -17.01
N THR C 67 27.16 -11.86 -16.19
CA THR C 67 28.23 -12.73 -15.72
C THR C 67 27.67 -13.82 -14.81
N LEU C 68 26.70 -13.49 -13.95
CA LEU C 68 26.06 -14.49 -13.11
C LEU C 68 25.30 -15.50 -13.96
N ALA C 69 24.55 -15.03 -14.96
CA ALA C 69 23.83 -15.95 -15.84
C ALA C 69 24.80 -16.78 -16.67
N THR C 70 25.92 -16.18 -17.06
CA THR C 70 26.94 -16.93 -17.81
C THR C 70 27.51 -18.07 -16.97
N TRP C 71 27.83 -17.78 -15.70
CA TRP C 71 28.43 -18.80 -14.84
C TRP C 71 27.45 -19.94 -14.56
N VAL C 72 26.18 -19.61 -14.29
CA VAL C 72 25.16 -20.64 -14.15
C VAL C 72 24.97 -21.39 -15.47
N GLY C 73 24.89 -20.65 -16.58
CA GLY C 73 24.66 -21.27 -17.87
C GLY C 73 25.77 -22.18 -18.33
N THR C 74 26.97 -22.04 -17.75
CA THR C 74 28.09 -22.90 -18.11
C THR C 74 28.47 -23.81 -16.94
N ASN C 75 29.18 -23.25 -15.97
CA ASN C 75 29.68 -24.02 -14.83
C ASN C 75 28.56 -24.71 -14.07
N LEU C 76 28.23 -25.93 -14.48
CA LEU C 76 27.22 -26.74 -13.80
C LEU C 76 27.47 -28.22 -14.11
N SER C 81 20.99 -27.73 -21.85
CA SER C 81 19.79 -27.87 -21.05
C SER C 81 19.38 -26.53 -20.45
N ARG C 82 20.35 -25.75 -20.01
CA ARG C 82 20.08 -24.47 -19.35
C ARG C 82 19.66 -23.41 -20.35
N ASP C 83 18.66 -23.72 -21.19
CA ASP C 83 18.05 -22.72 -22.04
C ASP C 83 16.98 -21.93 -21.30
N LEU C 84 16.62 -22.34 -20.10
CA LEU C 84 15.68 -21.57 -19.28
C LEU C 84 16.33 -20.31 -18.74
N VAL C 85 17.63 -20.36 -18.44
CA VAL C 85 18.32 -19.17 -17.94
C VAL C 85 18.36 -18.09 -19.02
N VAL C 86 18.39 -18.49 -20.29
CA VAL C 86 18.33 -17.51 -21.37
C VAL C 86 16.89 -17.04 -21.58
N SER C 87 15.93 -17.96 -21.47
CA SER C 87 14.53 -17.55 -21.51
C SER C 87 14.11 -16.78 -20.27
N TYR C 88 14.85 -16.95 -19.16
CA TYR C 88 14.57 -16.14 -17.98
C TYR C 88 15.00 -14.70 -18.18
N VAL C 89 16.25 -14.49 -18.61
CA VAL C 89 16.75 -13.13 -18.81
C VAL C 89 15.95 -12.43 -19.91
N ASN C 90 15.64 -13.15 -20.99
CA ASN C 90 14.94 -12.52 -22.11
C ASN C 90 13.57 -12.02 -21.70
N THR C 91 12.89 -12.73 -20.81
CA THR C 91 11.51 -12.39 -20.45
C THR C 91 11.40 -11.67 -19.13
N ASN C 92 12.48 -11.57 -18.34
CA ASN C 92 12.38 -10.93 -17.03
C ASN C 92 13.32 -9.74 -16.91
N VAL C 93 14.59 -9.98 -16.58
CA VAL C 93 15.51 -8.86 -16.38
C VAL C 93 15.76 -8.14 -17.70
N GLY C 94 15.75 -8.85 -18.82
CA GLY C 94 16.01 -8.21 -20.10
C GLY C 94 15.05 -7.09 -20.40
N LEU C 95 13.74 -7.37 -20.28
CA LEU C 95 12.75 -6.33 -20.53
C LEU C 95 12.84 -5.22 -19.49
N LYS C 96 13.18 -5.56 -18.24
CA LYS C 96 13.32 -4.54 -17.20
C LYS C 96 14.45 -3.56 -17.53
N PHE C 97 15.55 -4.07 -18.10
CA PHE C 97 16.69 -3.23 -18.42
C PHE C 97 16.59 -2.58 -19.78
N ARG C 98 15.94 -3.24 -20.75
CA ARG C 98 15.68 -2.59 -22.02
C ARG C 98 14.84 -1.34 -21.83
N GLN C 99 13.87 -1.39 -20.91
CA GLN C 99 13.09 -0.20 -20.59
C GLN C 99 13.96 0.87 -19.94
N LEU C 100 14.74 0.48 -18.93
CA LEU C 100 15.53 1.45 -18.18
C LEU C 100 16.63 2.05 -19.05
N LEU C 101 17.35 1.22 -19.80
CA LEU C 101 18.42 1.72 -20.65
C LEU C 101 17.86 2.62 -21.75
N TRP C 102 16.70 2.26 -22.32
CA TRP C 102 16.10 3.09 -23.35
C TRP C 102 15.68 4.44 -22.78
N PHE C 103 15.11 4.44 -21.57
CA PHE C 103 14.62 5.68 -20.99
C PHE C 103 15.74 6.71 -20.84
N HIS C 104 16.86 6.29 -20.25
CA HIS C 104 17.94 7.24 -19.99
C HIS C 104 18.67 7.64 -21.26
N ILE C 105 18.92 6.69 -22.15
CA ILE C 105 19.61 7.00 -23.41
C ILE C 105 18.76 7.95 -24.24
N SER C 106 17.46 7.68 -24.35
CA SER C 106 16.58 8.54 -25.13
C SER C 106 16.40 9.91 -24.48
N CYS C 107 16.42 9.97 -23.15
CA CYS C 107 16.28 11.26 -22.48
C CYS C 107 17.51 12.14 -22.73
N LEU C 108 18.70 11.55 -22.69
CA LEU C 108 19.90 12.31 -23.01
C LEU C 108 19.94 12.72 -24.47
N THR C 109 19.33 11.92 -25.35
CA THR C 109 19.37 12.18 -26.78
C THR C 109 18.27 13.12 -27.23
N PHE C 110 17.09 13.05 -26.63
CA PHE C 110 15.93 13.81 -27.08
C PHE C 110 15.32 14.74 -26.04
N GLY C 111 15.47 14.44 -24.75
CA GLY C 111 14.87 15.28 -23.73
C GLY C 111 13.77 14.52 -23.02
N ARG C 112 13.70 14.70 -21.69
CA ARG C 112 12.70 13.99 -20.89
C ARG C 112 11.29 14.33 -21.35
N GLU C 113 11.00 15.61 -21.58
CA GLU C 113 9.65 15.98 -21.98
C GLU C 113 9.32 15.41 -23.35
N THR C 114 10.26 15.45 -24.28
CA THR C 114 10.03 14.91 -25.62
C THR C 114 9.84 13.41 -25.58
N VAL C 115 10.62 12.71 -24.74
CA VAL C 115 10.51 11.25 -24.65
C VAL C 115 9.16 10.86 -24.03
N LEU C 116 8.73 11.58 -23.00
CA LEU C 116 7.45 11.27 -22.38
C LEU C 116 6.29 11.55 -23.32
N GLU C 117 6.36 12.66 -24.06
CA GLU C 117 5.32 12.95 -25.04
C GLU C 117 5.26 11.87 -26.12
N TYR C 118 6.41 11.42 -26.61
CA TYR C 118 6.43 10.34 -27.59
C TYR C 118 5.88 9.05 -26.98
N LEU C 119 6.16 8.82 -25.69
CA LEU C 119 5.76 7.57 -25.06
C LEU C 119 4.25 7.36 -25.13
N VAL C 120 3.49 8.37 -24.74
CA VAL C 120 2.03 8.25 -24.78
C VAL C 120 1.52 8.36 -26.22
N SER C 121 2.26 9.04 -27.09
CA SER C 121 1.85 9.14 -28.48
C SER C 121 2.00 7.81 -29.19
N PHE C 122 3.11 7.11 -28.97
CA PHE C 122 3.30 5.81 -29.61
C PHE C 122 2.44 4.74 -28.97
N GLY C 123 2.24 4.82 -27.65
CA GLY C 123 1.44 3.81 -26.97
C GLY C 123 0.01 3.76 -27.46
N VAL C 124 -0.56 4.92 -27.77
CA VAL C 124 -1.91 4.96 -28.34
C VAL C 124 -1.87 4.61 -29.83
N TRP C 125 -0.80 5.01 -30.53
CA TRP C 125 -0.70 4.71 -31.95
C TRP C 125 -0.59 3.21 -32.19
N ILE C 126 0.30 2.54 -31.46
CA ILE C 126 0.51 1.11 -31.66
C ILE C 126 -0.70 0.29 -31.24
N ARG C 127 -1.57 0.84 -30.38
CA ARG C 127 -2.77 0.15 -29.98
C ARG C 127 -3.97 0.44 -30.87
N THR C 128 -3.87 1.44 -31.73
CA THR C 128 -4.87 1.62 -32.77
C THR C 128 -4.71 0.51 -33.80
N PRO C 129 -5.78 -0.23 -34.12
CA PRO C 129 -5.66 -1.28 -35.12
C PRO C 129 -5.20 -0.69 -36.45
N PRO C 130 -4.48 -1.47 -37.25
CA PRO C 130 -3.83 -0.88 -38.44
C PRO C 130 -4.80 -0.32 -39.47
N ALA C 131 -6.06 -0.77 -39.47
CA ALA C 131 -7.03 -0.26 -40.44
C ALA C 131 -7.26 1.23 -40.25
N ALA C 132 -7.44 1.67 -39.00
CA ALA C 132 -7.68 3.08 -38.72
C ALA C 132 -6.41 3.84 -38.36
N ARG C 133 -5.34 3.13 -38.07
CA ARG C 133 -4.10 3.78 -37.63
C ARG C 133 -3.39 4.42 -38.82
N PRO C 134 -2.96 5.67 -38.70
CA PRO C 134 -2.25 6.32 -39.81
C PRO C 134 -0.93 5.62 -40.09
N PRO C 135 -0.40 5.75 -41.31
CA PRO C 135 0.81 5.00 -41.65
C PRO C 135 2.06 5.52 -40.94
N ASN C 136 2.19 6.84 -40.81
CA ASN C 136 3.39 7.43 -40.24
C ASN C 136 3.31 7.40 -38.72
N ALA C 137 4.11 6.53 -38.09
CA ALA C 137 4.19 6.48 -36.64
C ALA C 137 4.82 7.76 -36.12
N PRO C 138 4.53 8.11 -34.86
CA PRO C 138 5.24 9.24 -34.24
C PRO C 138 6.73 8.95 -34.18
N ILE C 139 7.53 10.00 -34.28
CA ILE C 139 8.97 9.85 -34.40
C ILE C 139 9.67 10.48 -33.22
N LEU C 140 10.88 9.98 -32.95
CA LEU C 140 11.81 10.62 -32.04
C LEU C 140 12.75 11.48 -32.87
N SER C 141 12.82 12.77 -32.55
CA SER C 141 13.26 13.79 -33.50
C SER C 141 14.65 13.49 -34.08
N THR C 142 15.66 13.39 -33.21
CA THR C 142 17.08 13.35 -33.58
C THR C 142 17.42 14.15 -34.83
N MET D 1 32.21 -0.65 -22.81
CA MET D 1 32.77 0.51 -22.13
C MET D 1 33.50 0.10 -20.85
N ASP D 2 34.20 1.07 -20.23
CA ASP D 2 34.93 0.85 -18.98
C ASP D 2 34.53 1.95 -18.00
N ILE D 3 33.40 1.76 -17.34
CA ILE D 3 32.91 2.70 -16.34
C ILE D 3 33.46 2.31 -14.98
N ASP D 4 34.00 3.27 -14.24
CA ASP D 4 34.29 3.08 -12.84
C ASP D 4 33.18 3.72 -12.03
N PRO D 5 32.38 2.96 -11.29
CA PRO D 5 31.22 3.55 -10.59
C PRO D 5 31.61 4.56 -9.53
N TYR D 6 32.86 4.60 -9.11
CA TYR D 6 33.33 5.56 -8.11
C TYR D 6 33.99 6.79 -8.74
N LYS D 7 34.23 6.78 -10.05
CA LYS D 7 35.01 7.85 -10.68
C LYS D 7 34.30 9.20 -10.55
N GLU D 8 33.02 9.24 -10.86
CA GLU D 8 32.27 10.49 -10.72
C GLU D 8 32.11 10.92 -9.27
N PHE D 9 32.50 10.08 -8.31
CA PHE D 9 32.41 10.40 -6.89
C PHE D 9 33.77 10.58 -6.25
N GLY D 10 34.82 10.79 -7.05
CA GLY D 10 36.14 11.08 -6.51
C GLY D 10 36.85 9.89 -5.91
N ALA D 11 36.61 8.69 -6.41
CA ALA D 11 37.28 7.49 -5.92
C ALA D 11 37.46 6.53 -7.09
N THR D 12 38.01 5.35 -6.78
CA THR D 12 38.22 4.32 -7.78
C THR D 12 37.86 2.96 -7.20
N VAL D 13 37.68 1.99 -8.10
CA VAL D 13 37.50 0.60 -7.67
C VAL D 13 38.73 0.12 -6.91
N GLU D 14 39.92 0.48 -7.41
CA GLU D 14 41.16 0.09 -6.76
C GLU D 14 41.22 0.63 -5.33
N LEU D 15 40.76 1.85 -5.11
CA LEU D 15 40.82 2.45 -3.78
C LEU D 15 39.86 1.74 -2.82
N LEU D 16 38.69 1.34 -3.30
CA LEU D 16 37.75 0.63 -2.44
C LEU D 16 38.25 -0.76 -2.06
N SER D 17 39.07 -1.36 -2.93
CA SER D 17 39.67 -2.66 -2.63
C SER D 17 40.69 -2.58 -1.50
N PHE D 18 41.14 -1.37 -1.14
CA PHE D 18 42.06 -1.22 -0.01
C PHE D 18 41.42 -1.66 1.29
N LEU D 19 40.09 -1.59 1.38
CA LEU D 19 39.40 -2.04 2.57
C LEU D 19 39.24 -3.56 2.54
N PRO D 20 39.52 -4.26 3.64
CA PRO D 20 39.42 -5.73 3.63
C PRO D 20 37.99 -6.18 3.41
N SER D 21 37.85 -7.37 2.82
CA SER D 21 36.54 -7.89 2.48
C SER D 21 35.68 -8.18 3.70
N ASP D 22 36.29 -8.34 4.87
CA ASP D 22 35.53 -8.56 6.10
C ASP D 22 35.25 -7.27 6.86
N PHE D 23 35.69 -6.13 6.34
CA PHE D 23 35.34 -4.84 6.96
C PHE D 23 33.90 -4.45 6.69
N PHE D 24 33.33 -4.90 5.56
CA PHE D 24 32.00 -4.43 5.19
C PHE D 24 30.93 -5.29 5.86
N PRO D 25 29.81 -4.66 6.24
CA PRO D 25 28.66 -5.44 6.69
C PRO D 25 28.09 -6.25 5.54
N SER D 26 27.16 -7.14 5.87
CA SER D 26 26.45 -7.87 4.83
C SER D 26 25.63 -6.91 3.97
N VAL D 27 25.23 -7.39 2.80
CA VAL D 27 24.35 -6.58 1.96
C VAL D 27 23.03 -6.31 2.68
N ARG D 28 22.51 -7.31 3.38
CA ARG D 28 21.28 -7.14 4.13
C ARG D 28 21.42 -6.06 5.20
N ASP D 29 22.51 -6.11 5.97
CA ASP D 29 22.73 -5.10 6.99
C ASP D 29 22.96 -3.73 6.37
N LEU D 30 23.56 -3.67 5.18
CA LEU D 30 23.73 -2.39 4.50
C LEU D 30 22.42 -1.87 3.95
N LEU D 31 21.55 -2.77 3.45
CA LEU D 31 20.25 -2.35 2.98
C LEU D 31 19.32 -2.00 4.14
N ASP D 32 19.45 -2.73 5.25
CA ASP D 32 18.71 -2.37 6.46
C ASP D 32 19.07 -0.96 6.92
N THR D 33 20.34 -0.60 6.78
CA THR D 33 20.78 0.73 7.19
C THR D 33 20.28 1.81 6.24
N ALA D 34 20.32 1.53 4.93
CA ALA D 34 19.86 2.51 3.96
C ALA D 34 18.39 2.84 4.16
N ALA D 35 17.58 1.83 4.49
CA ALA D 35 16.16 2.07 4.75
C ALA D 35 15.97 2.88 6.03
N ALA D 36 16.68 2.51 7.09
CA ALA D 36 16.51 3.20 8.37
C ALA D 36 16.97 4.65 8.29
N LEU D 37 17.97 4.95 7.48
CA LEU D 37 18.52 6.30 7.39
C LEU D 37 17.93 7.13 6.27
N TYR D 38 17.50 6.51 5.17
CA TYR D 38 17.19 7.29 3.98
C TYR D 38 15.95 6.80 3.22
N ARG D 39 15.02 6.11 3.89
CA ARG D 39 13.85 5.59 3.17
C ARG D 39 13.04 6.71 2.53
N ASP D 40 12.86 7.83 3.24
CA ASP D 40 12.09 8.94 2.68
C ASP D 40 12.78 9.55 1.48
N ALA D 41 14.09 9.81 1.59
CA ALA D 41 14.81 10.42 0.48
C ALA D 41 14.90 9.47 -0.70
N LEU D 42 15.18 8.18 -0.45
CA LEU D 42 15.36 7.23 -1.54
C LEU D 42 14.06 6.98 -2.30
N GLU D 43 12.92 7.12 -1.64
CA GLU D 43 11.63 6.91 -2.27
C GLU D 43 10.97 8.21 -2.74
N SER D 44 11.66 9.36 -2.60
CA SER D 44 11.10 10.66 -2.93
C SER D 44 11.32 11.00 -4.41
N PRO D 45 10.45 11.83 -4.99
CA PRO D 45 10.58 12.15 -6.42
C PRO D 45 11.67 13.18 -6.70
N GLU D 46 12.51 13.46 -5.72
CA GLU D 46 13.56 14.46 -5.87
C GLU D 46 14.91 13.78 -6.07
N HIS D 47 15.76 14.42 -6.87
CA HIS D 47 17.11 13.89 -7.11
C HIS D 47 17.90 13.83 -5.83
N CYS D 48 17.78 14.84 -4.97
CA CYS D 48 18.53 14.98 -3.73
C CYS D 48 20.02 15.15 -4.01
N SER D 49 20.69 14.09 -4.44
CA SER D 49 22.13 14.15 -4.69
C SER D 49 22.49 13.01 -5.64
N PRO D 50 23.61 13.13 -6.35
CA PRO D 50 24.08 11.99 -7.16
C PRO D 50 24.31 10.73 -6.35
N HIS D 51 24.69 10.86 -5.07
CA HIS D 51 24.78 9.69 -4.21
C HIS D 51 23.43 9.01 -4.05
N HIS D 52 22.37 9.81 -3.92
CA HIS D 52 21.02 9.24 -3.84
C HIS D 52 20.67 8.50 -5.12
N THR D 53 21.08 9.03 -6.27
CA THR D 53 20.80 8.37 -7.53
C THR D 53 21.50 7.02 -7.63
N ALA D 54 22.80 7.00 -7.31
CA ALA D 54 23.56 5.75 -7.41
C ALA D 54 23.06 4.73 -6.41
N LEU D 55 22.88 5.14 -5.15
CA LEU D 55 22.33 4.24 -4.14
C LEU D 55 20.96 3.73 -4.54
N ARG D 56 20.17 4.56 -5.23
CA ARG D 56 18.88 4.15 -5.76
C ARG D 56 19.03 2.94 -6.69
N GLN D 57 19.92 3.04 -7.68
CA GLN D 57 20.06 1.95 -8.65
C GLN D 57 20.70 0.71 -8.03
N ALA D 58 21.62 0.89 -7.09
CA ALA D 58 22.28 -0.27 -6.49
C ALA D 58 21.31 -1.13 -5.71
N ILE D 59 20.37 -0.51 -4.99
CA ILE D 59 19.40 -1.26 -4.20
C ILE D 59 18.54 -2.11 -5.11
N LEU D 60 18.01 -1.52 -6.19
CA LEU D 60 17.16 -2.26 -7.10
C LEU D 60 17.96 -3.34 -7.84
N CYS D 61 19.21 -3.05 -8.19
CA CYS D 61 20.01 -4.02 -8.92
C CYS D 61 20.31 -5.25 -8.08
N TRP D 62 20.49 -5.08 -6.77
CA TRP D 62 20.69 -6.23 -5.90
C TRP D 62 19.43 -7.10 -5.87
N GLY D 63 18.25 -6.48 -5.88
CA GLY D 63 17.03 -7.25 -5.99
C GLY D 63 16.95 -8.04 -7.28
N ASP D 64 17.38 -7.44 -8.38
CA ASP D 64 17.43 -8.16 -9.65
C ASP D 64 18.43 -9.31 -9.57
N LEU D 65 19.58 -9.08 -8.95
CA LEU D 65 20.59 -10.13 -8.86
C LEU D 65 20.13 -11.27 -7.97
N MET D 66 19.46 -10.95 -6.86
CA MET D 66 19.02 -11.99 -5.94
C MET D 66 17.78 -12.73 -6.45
N THR D 67 16.93 -12.06 -7.22
CA THR D 67 15.78 -12.74 -7.81
C THR D 67 16.24 -13.74 -8.86
N LEU D 68 17.19 -13.35 -9.71
CA LEU D 68 17.75 -14.29 -10.69
C LEU D 68 18.46 -15.44 -10.00
N ALA D 69 19.23 -15.15 -8.95
CA ALA D 69 19.92 -16.21 -8.22
C ALA D 69 18.93 -17.12 -7.49
N THR D 70 17.84 -16.55 -6.97
CA THR D 70 16.83 -17.36 -6.31
C THR D 70 16.15 -18.29 -7.29
N TRP D 71 15.71 -17.76 -8.43
CA TRP D 71 15.05 -18.59 -9.44
C TRP D 71 15.96 -19.72 -9.90
N VAL D 72 17.25 -19.43 -10.08
CA VAL D 72 18.20 -20.47 -10.45
C VAL D 72 18.34 -21.48 -9.31
N GLY D 73 18.52 -20.99 -8.08
CA GLY D 73 18.72 -21.89 -6.96
C GLY D 73 17.48 -22.67 -6.60
N THR D 74 16.30 -22.13 -6.93
CA THR D 74 15.06 -22.82 -6.63
C THR D 74 14.89 -24.05 -7.52
N ASN D 75 15.19 -23.91 -8.81
CA ASN D 75 15.01 -25.00 -9.77
C ASN D 75 16.26 -25.85 -9.94
N LEU D 76 16.96 -26.13 -8.83
CA LEU D 76 18.09 -27.05 -8.82
C LEU D 76 17.77 -28.22 -7.91
N GLU D 77 18.27 -29.40 -8.28
CA GLU D 77 17.99 -30.61 -7.52
C GLU D 77 19.02 -30.85 -6.43
N ASP D 78 20.28 -31.01 -6.81
CA ASP D 78 21.36 -31.27 -5.87
C ASP D 78 21.54 -30.08 -4.93
N PRO D 79 21.44 -30.28 -3.61
CA PRO D 79 21.66 -29.14 -2.68
C PRO D 79 23.07 -28.59 -2.74
N ALA D 80 24.05 -29.35 -3.24
CA ALA D 80 25.39 -28.81 -3.40
C ALA D 80 25.44 -27.72 -4.46
N SER D 81 24.66 -27.87 -5.53
CA SER D 81 24.54 -26.80 -6.52
C SER D 81 23.78 -25.61 -5.97
N ARG D 82 22.78 -25.86 -5.11
CA ARG D 82 22.14 -24.78 -4.37
C ARG D 82 23.15 -23.99 -3.56
N ASP D 83 24.00 -24.70 -2.81
CA ASP D 83 25.04 -24.04 -2.04
C ASP D 83 26.08 -23.39 -2.94
N LEU D 84 26.26 -23.93 -4.16
CA LEU D 84 27.23 -23.33 -5.09
C LEU D 84 26.72 -22.01 -5.64
N VAL D 85 25.40 -21.89 -5.85
CA VAL D 85 24.83 -20.63 -6.31
C VAL D 85 24.98 -19.56 -5.22
N VAL D 86 24.70 -19.93 -3.97
CA VAL D 86 24.85 -19.00 -2.86
C VAL D 86 26.31 -18.64 -2.65
N SER D 87 27.22 -19.60 -2.87
CA SER D 87 28.64 -19.32 -2.69
C SER D 87 29.18 -18.38 -3.77
N TYR D 88 28.60 -18.43 -4.97
CA TYR D 88 29.01 -17.50 -6.03
C TYR D 88 28.65 -16.07 -5.65
N VAL D 89 27.41 -15.88 -5.18
CA VAL D 89 26.99 -14.55 -4.73
C VAL D 89 27.88 -14.06 -3.60
N ASN D 90 28.30 -14.97 -2.72
CA ASN D 90 29.07 -14.57 -1.55
C ASN D 90 30.46 -14.05 -1.94
N THR D 91 31.13 -14.72 -2.87
CA THR D 91 32.52 -14.38 -3.18
C THR D 91 32.65 -13.36 -4.30
N ASN D 92 31.66 -13.26 -5.20
CA ASN D 92 31.80 -12.44 -6.39
C ASN D 92 30.94 -11.20 -6.24
N VAL D 93 29.66 -11.23 -6.64
CA VAL D 93 28.86 -10.01 -6.70
C VAL D 93 28.58 -9.43 -5.32
N GLY D 94 28.63 -10.25 -4.27
CA GLY D 94 28.33 -9.75 -2.94
C GLY D 94 29.37 -8.75 -2.43
N LEU D 95 30.65 -9.07 -2.61
CA LEU D 95 31.70 -8.17 -2.18
C LEU D 95 31.64 -6.84 -2.92
N LYS D 96 31.39 -6.89 -4.23
CA LYS D 96 31.31 -5.66 -5.02
C LYS D 96 30.17 -4.76 -4.54
N PHE D 97 29.03 -5.36 -4.20
CA PHE D 97 27.90 -4.54 -3.78
C PHE D 97 28.01 -4.13 -2.32
N ARG D 98 28.69 -4.92 -1.49
CA ARG D 98 28.98 -4.46 -0.13
C ARG D 98 29.87 -3.23 -0.16
N GLN D 99 30.80 -3.17 -1.11
CA GLN D 99 31.65 -1.99 -1.25
C GLN D 99 30.84 -0.80 -1.75
N LEU D 100 30.07 -1.00 -2.83
CA LEU D 100 29.33 0.10 -3.44
C LEU D 100 28.26 0.63 -2.49
N LEU D 101 27.54 -0.26 -1.82
CA LEU D 101 26.50 0.19 -0.89
C LEU D 101 27.13 0.94 0.29
N TRP D 102 28.19 0.38 0.87
CA TRP D 102 28.83 1.04 2.01
C TRP D 102 29.36 2.41 1.62
N PHE D 103 29.94 2.53 0.42
CA PHE D 103 30.54 3.79 0.00
C PHE D 103 29.49 4.90 -0.08
N HIS D 104 28.34 4.61 -0.69
CA HIS D 104 27.32 5.64 -0.87
C HIS D 104 26.59 5.94 0.44
N ILE D 105 26.28 4.90 1.22
CA ILE D 105 25.62 5.12 2.50
C ILE D 105 26.49 5.95 3.43
N SER D 106 27.80 5.66 3.44
CA SER D 106 28.70 6.42 4.31
C SER D 106 28.91 7.84 3.81
N CYS D 107 28.99 8.02 2.49
CA CYS D 107 29.20 9.36 1.93
C CYS D 107 28.02 10.27 2.25
N LEU D 108 26.80 9.72 2.20
CA LEU D 108 25.63 10.51 2.57
C LEU D 108 25.61 10.82 4.06
N THR D 109 26.23 9.96 4.87
CA THR D 109 26.22 10.13 6.32
C THR D 109 27.37 11.00 6.82
N PHE D 110 28.57 10.81 6.27
CA PHE D 110 29.76 11.49 6.76
C PHE D 110 30.42 12.44 5.77
N GLY D 111 30.13 12.33 4.49
CA GLY D 111 30.79 13.18 3.51
C GLY D 111 31.89 12.44 2.78
N ARG D 112 32.16 12.89 1.55
CA ARG D 112 33.04 12.15 0.66
C ARG D 112 34.45 12.02 1.23
N GLU D 113 35.07 13.14 1.58
CA GLU D 113 36.47 13.07 2.02
C GLU D 113 36.62 12.53 3.43
N THR D 114 35.56 12.58 4.24
CA THR D 114 35.63 11.96 5.56
C THR D 114 35.72 10.45 5.44
N VAL D 115 34.89 9.84 4.58
CA VAL D 115 34.94 8.40 4.40
C VAL D 115 36.19 8.00 3.63
N LEU D 116 36.72 8.90 2.79
CA LEU D 116 37.95 8.59 2.06
C LEU D 116 39.16 8.71 2.96
N GLU D 117 39.19 9.71 3.84
CA GLU D 117 40.24 9.76 4.85
C GLU D 117 40.15 8.58 5.79
N TYR D 118 38.94 8.15 6.14
CA TYR D 118 38.79 6.97 6.97
C TYR D 118 39.22 5.71 6.24
N LEU D 119 38.93 5.63 4.94
CA LEU D 119 39.28 4.44 4.17
C LEU D 119 40.78 4.16 4.23
N VAL D 120 41.59 5.19 3.97
CA VAL D 120 43.03 5.00 3.99
C VAL D 120 43.53 4.85 5.41
N SER D 121 42.85 5.47 6.39
CA SER D 121 43.26 5.35 7.78
C SER D 121 43.03 3.94 8.31
N PHE D 122 41.89 3.33 7.97
CA PHE D 122 41.64 1.96 8.43
C PHE D 122 42.45 0.95 7.63
N GLY D 123 42.66 1.19 6.34
CA GLY D 123 43.44 0.27 5.54
C GLY D 123 44.88 0.15 6.01
N VAL D 124 45.47 1.25 6.47
CA VAL D 124 46.80 1.20 7.06
C VAL D 124 46.74 0.61 8.47
N TRP D 125 45.65 0.87 9.19
CA TRP D 125 45.54 0.39 10.56
C TRP D 125 45.47 -1.13 10.62
N ILE D 126 44.59 -1.74 9.82
CA ILE D 126 44.40 -3.18 9.88
C ILE D 126 45.57 -3.94 9.25
N ARG D 127 46.36 -3.28 8.42
CA ARG D 127 47.55 -3.92 7.86
C ARG D 127 48.76 -3.79 8.78
N THR D 128 48.64 -3.06 9.88
CA THR D 128 49.68 -3.08 10.91
C THR D 128 49.54 -4.36 11.72
N PRO D 129 50.62 -5.11 11.91
CA PRO D 129 50.55 -6.32 12.75
C PRO D 129 50.02 -5.97 14.14
N PRO D 130 49.24 -6.87 14.76
CA PRO D 130 48.55 -6.50 15.99
C PRO D 130 49.47 -6.12 17.14
N ALA D 131 50.74 -6.53 17.10
CA ALA D 131 51.66 -6.17 18.18
C ALA D 131 51.90 -4.67 18.21
N ALA D 132 52.13 -4.05 17.05
CA ALA D 132 52.35 -2.61 16.97
C ALA D 132 51.06 -1.82 16.78
N ARG D 133 49.96 -2.49 16.48
CA ARG D 133 48.72 -1.81 16.18
C ARG D 133 48.00 -1.39 17.46
N PRO D 134 47.60 -0.13 17.60
CA PRO D 134 46.78 0.25 18.75
C PRO D 134 45.50 -0.56 18.78
N PRO D 135 44.97 -0.86 19.97
CA PRO D 135 43.87 -1.82 20.04
C PRO D 135 42.55 -1.30 19.48
N ASN D 136 42.35 0.01 19.48
CA ASN D 136 41.08 0.61 19.06
C ASN D 136 41.17 1.06 17.61
N ALA D 137 40.21 0.65 16.80
CA ALA D 137 40.17 1.04 15.41
C ALA D 137 39.89 2.54 15.28
N PRO D 138 40.31 3.17 14.18
CA PRO D 138 39.98 4.57 13.98
C PRO D 138 38.48 4.76 13.79
N ILE D 139 38.01 5.94 14.20
CA ILE D 139 36.58 6.22 14.22
C ILE D 139 36.18 6.91 12.93
N LEU D 140 34.99 6.57 12.43
CA LEU D 140 34.41 7.19 11.24
C LEU D 140 33.41 8.25 11.72
N SER D 141 33.85 9.50 11.74
CA SER D 141 33.00 10.62 12.14
C SER D 141 33.42 11.85 11.35
N THR D 142 32.45 12.68 11.01
CA THR D 142 32.72 13.81 10.12
C THR D 142 33.72 14.78 10.76
N LEU D 143 34.62 15.28 9.94
CA LEU D 143 35.65 16.21 10.40
C LEU D 143 34.99 17.48 10.93
N PRO D 144 35.25 17.87 12.17
CA PRO D 144 34.75 19.16 12.66
C PRO D 144 35.23 20.30 11.77
N GLU D 145 34.28 21.16 11.37
CA GLU D 145 34.56 22.15 10.33
C GLU D 145 35.73 23.05 10.73
N THR D 146 35.76 23.51 11.97
CA THR D 146 36.82 24.39 12.42
C THR D 146 37.15 24.09 13.88
N THR D 147 38.28 24.61 14.33
CA THR D 147 38.70 24.41 15.71
C THR D 147 37.92 25.34 16.64
N VAL D 148 38.01 25.06 17.94
CA VAL D 148 37.28 25.85 18.92
C VAL D 148 37.94 27.21 19.16
N VAL D 149 39.27 27.28 19.04
CA VAL D 149 39.96 28.56 19.22
C VAL D 149 39.52 29.54 18.14
N GLU D 150 39.44 29.08 16.89
CA GLU D 150 38.96 29.94 15.81
C GLU D 150 37.45 30.20 15.91
N ASN D 151 36.71 29.31 16.59
CA ASN D 151 35.28 29.53 16.76
C ASN D 151 35.01 30.68 17.72
N LEU D 152 35.77 30.76 18.82
CA LEU D 152 35.63 31.87 19.75
C LEU D 152 36.21 33.17 19.22
N TYR D 153 37.17 33.11 18.30
CA TYR D 153 37.77 34.33 17.78
C TYR D 153 36.79 35.11 16.91
N PHE D 154 35.95 34.42 16.15
CA PHE D 154 35.00 35.06 15.25
C PHE D 154 33.62 35.23 15.87
N GLN D 155 33.50 35.03 17.18
CA GLN D 155 32.22 35.19 17.86
C GLN D 155 31.78 36.65 17.88
N MET E 1 -7.68 -2.77 9.53
CA MET E 1 -6.96 -1.50 9.62
C MET E 1 -5.45 -1.71 9.52
N ASP E 2 -4.72 -0.62 9.29
CA ASP E 2 -3.25 -0.64 9.19
C ASP E 2 -2.71 0.37 10.21
N ILE E 3 -2.67 -0.04 11.47
CA ILE E 3 -2.24 0.83 12.57
C ILE E 3 -0.79 0.54 12.91
N ASP E 4 0.03 1.58 12.93
CA ASP E 4 1.39 1.48 13.43
C ASP E 4 1.43 2.04 14.85
N PRO E 5 1.73 1.23 15.86
CA PRO E 5 1.66 1.72 17.24
C PRO E 5 2.65 2.82 17.57
N TYR E 6 3.74 2.95 16.81
CA TYR E 6 4.73 3.97 17.06
C TYR E 6 4.51 5.25 16.27
N LYS E 7 3.58 5.23 15.31
CA LYS E 7 3.40 6.38 14.41
C LYS E 7 3.07 7.64 15.19
N GLU E 8 2.12 7.55 16.13
CA GLU E 8 1.76 8.71 16.94
C GLU E 8 2.87 9.15 17.88
N PHE E 9 3.94 8.36 18.00
CA PHE E 9 5.07 8.70 18.85
C PHE E 9 6.33 9.04 18.05
N GLY E 10 6.17 9.33 16.76
CA GLY E 10 7.29 9.76 15.95
C GLY E 10 8.25 8.69 15.52
N ALA E 11 7.77 7.44 15.40
CA ALA E 11 8.60 6.34 14.95
C ALA E 11 7.75 5.39 14.12
N THR E 12 8.34 4.27 13.71
CA THR E 12 7.64 3.27 12.92
C THR E 12 8.01 1.88 13.43
N VAL E 13 7.25 0.88 12.95
CA VAL E 13 7.59 -0.50 13.23
C VAL E 13 8.92 -0.87 12.55
N GLU E 14 9.10 -0.41 11.31
CA GLU E 14 10.33 -0.71 10.58
C GLU E 14 11.54 -0.10 11.27
N LEU E 15 11.39 1.09 11.84
CA LEU E 15 12.50 1.72 12.55
C LEU E 15 12.90 0.92 13.78
N LEU E 16 11.91 0.45 14.55
CA LEU E 16 12.22 -0.38 15.72
C LEU E 16 12.88 -1.69 15.31
N SER E 17 12.53 -2.21 14.12
CA SER E 17 13.14 -3.45 13.63
C SER E 17 14.59 -3.27 13.27
N PHE E 18 15.06 -2.01 13.13
CA PHE E 18 16.47 -1.76 12.88
C PHE E 18 17.33 -2.22 14.04
N LEU E 19 16.78 -2.30 15.25
CA LEU E 19 17.50 -2.85 16.38
C LEU E 19 17.45 -4.38 16.33
N PRO E 20 18.58 -5.07 16.47
CA PRO E 20 18.55 -6.53 16.46
C PRO E 20 17.75 -7.08 17.63
N SER E 21 17.28 -8.32 17.46
CA SER E 21 16.41 -8.93 18.46
C SER E 21 17.09 -9.04 19.82
N ASP E 22 18.38 -9.34 19.83
CA ASP E 22 19.12 -9.53 21.08
C ASP E 22 19.47 -8.23 21.78
N PHE E 23 19.08 -7.08 21.23
CA PHE E 23 19.36 -5.81 21.90
C PHE E 23 18.39 -5.56 23.05
N PHE E 24 17.12 -5.91 22.86
CA PHE E 24 16.11 -5.54 23.84
C PHE E 24 16.26 -6.40 25.09
N PRO E 25 16.00 -5.84 26.27
CA PRO E 25 15.97 -6.65 27.50
C PRO E 25 14.84 -7.66 27.43
N SER E 26 14.88 -8.61 28.36
CA SER E 26 13.80 -9.59 28.45
C SER E 26 12.50 -8.89 28.86
N VAL E 27 11.39 -9.59 28.65
CA VAL E 27 10.10 -9.05 29.08
C VAL E 27 10.07 -8.90 30.60
N ARG E 28 10.59 -9.90 31.31
CA ARG E 28 10.61 -9.84 32.78
C ARG E 28 11.42 -8.64 33.26
N ASP E 29 12.60 -8.43 32.68
CA ASP E 29 13.40 -7.26 33.04
C ASP E 29 12.72 -5.96 32.63
N LEU E 30 11.94 -5.98 31.55
CA LEU E 30 11.22 -4.78 31.15
C LEU E 30 10.09 -4.47 32.11
N LEU E 31 9.33 -5.50 32.51
CA LEU E 31 8.24 -5.28 33.47
C LEU E 31 8.79 -4.82 34.81
N ASP E 32 9.90 -5.41 35.26
CA ASP E 32 10.50 -5.01 36.54
C ASP E 32 11.03 -3.58 36.48
N THR E 33 11.48 -3.14 35.31
CA THR E 33 11.98 -1.78 35.18
C THR E 33 10.83 -0.78 35.18
N ALA E 34 9.74 -1.09 34.47
CA ALA E 34 8.57 -0.21 34.49
C ALA E 34 7.97 -0.14 35.89
N ALA E 35 8.00 -1.26 36.61
CA ALA E 35 7.51 -1.25 37.99
C ALA E 35 8.39 -0.40 38.89
N ALA E 36 9.71 -0.63 38.84
CA ALA E 36 10.61 0.10 39.72
C ALA E 36 10.63 1.59 39.43
N LEU E 37 10.39 1.99 38.19
CA LEU E 37 10.53 3.38 37.80
C LEU E 37 9.19 4.13 37.69
N TYR E 38 8.07 3.42 37.45
CA TYR E 38 6.82 4.12 37.17
C TYR E 38 5.60 3.42 37.76
N ARG E 39 5.74 2.65 38.84
CA ARG E 39 4.58 1.92 39.38
C ARG E 39 3.47 2.87 39.78
N ASP E 40 3.80 3.93 40.52
CA ASP E 40 2.77 4.83 41.03
C ASP E 40 2.12 5.62 39.90
N ALA E 41 2.91 6.07 38.93
CA ALA E 41 2.35 6.81 37.81
C ALA E 41 1.43 5.91 36.97
N LEU E 42 1.91 4.73 36.59
CA LEU E 42 1.11 3.82 35.78
C LEU E 42 -0.16 3.38 36.49
N GLU E 43 -0.14 3.34 37.82
CA GLU E 43 -1.31 2.92 38.58
C GLU E 43 -2.24 4.07 38.94
N SER E 44 -1.78 5.31 38.81
CA SER E 44 -2.57 6.46 39.21
C SER E 44 -3.77 6.65 38.27
N PRO E 45 -4.82 7.32 38.73
CA PRO E 45 -6.00 7.54 37.87
C PRO E 45 -5.86 8.75 36.97
N GLU E 46 -4.63 9.12 36.63
CA GLU E 46 -4.36 10.25 35.75
C GLU E 46 -3.80 9.74 34.42
N HIS E 47 -4.01 10.55 33.37
CA HIS E 47 -3.47 10.20 32.06
C HIS E 47 -1.95 10.25 32.05
N CYS E 48 -1.38 11.24 32.74
CA CYS E 48 0.06 11.49 32.80
C CYS E 48 0.62 11.90 31.45
N SER E 49 0.68 10.98 30.49
CA SER E 49 1.23 11.25 29.18
C SER E 49 0.80 10.12 28.24
N PRO E 50 0.80 10.38 26.92
CA PRO E 50 0.50 9.29 25.97
C PRO E 50 1.42 8.09 26.12
N HIS E 51 2.68 8.30 26.51
CA HIS E 51 3.57 7.17 26.77
C HIS E 51 3.04 6.33 27.92
N HIS E 52 2.46 6.97 28.95
CA HIS E 52 1.88 6.23 30.05
C HIS E 52 0.65 5.45 29.60
N THR E 53 -0.21 6.07 28.78
CA THR E 53 -1.37 5.38 28.26
C THR E 53 -0.97 4.14 27.47
N ALA E 54 0.01 4.27 26.57
CA ALA E 54 0.43 3.14 25.76
C ALA E 54 1.12 2.07 26.60
N LEU E 55 1.97 2.49 27.55
CA LEU E 55 2.66 1.52 28.40
C LEU E 55 1.67 0.75 29.28
N ARG E 56 0.60 1.41 29.73
CA ARG E 56 -0.40 0.74 30.54
C ARG E 56 -1.10 -0.37 29.76
N GLN E 57 -1.47 -0.08 28.50
CA GLN E 57 -2.10 -1.11 27.67
C GLN E 57 -1.13 -2.25 27.39
N ALA E 58 0.13 -1.92 27.12
CA ALA E 58 1.11 -2.95 26.75
C ALA E 58 1.36 -3.92 27.90
N ILE E 59 1.52 -3.38 29.12
CA ILE E 59 1.77 -4.23 30.28
C ILE E 59 0.61 -5.19 30.51
N LEU E 60 -0.62 -4.65 30.49
CA LEU E 60 -1.79 -5.49 30.72
C LEU E 60 -1.99 -6.49 29.59
N CYS E 61 -1.83 -6.05 28.34
CA CYS E 61 -2.05 -6.94 27.21
C CYS E 61 -1.01 -8.06 27.18
N TRP E 62 0.24 -7.75 27.56
CA TRP E 62 1.21 -8.82 27.71
C TRP E 62 0.81 -9.78 28.82
N GLY E 63 0.22 -9.25 29.89
CA GLY E 63 -0.29 -10.11 30.95
C GLY E 63 -1.33 -11.08 30.43
N ASP E 64 -2.20 -10.62 29.52
CA ASP E 64 -3.16 -11.51 28.89
C ASP E 64 -2.45 -12.62 28.10
N LEU E 65 -1.37 -12.27 27.41
CA LEU E 65 -0.66 -13.24 26.59
C LEU E 65 0.05 -14.27 27.44
N MET E 66 0.60 -13.86 28.59
CA MET E 66 1.26 -14.80 29.47
C MET E 66 0.25 -15.67 30.22
N THR E 67 -0.89 -15.10 30.58
CA THR E 67 -1.95 -15.89 31.20
C THR E 67 -2.43 -17.00 30.26
N LEU E 68 -2.52 -16.69 28.96
CA LEU E 68 -2.88 -17.69 27.97
C LEU E 68 -1.81 -18.78 27.86
N ALA E 69 -0.54 -18.38 27.85
CA ALA E 69 0.55 -19.35 27.71
C ALA E 69 0.65 -20.27 28.92
N THR E 70 0.31 -19.77 30.12
CA THR E 70 0.27 -20.64 31.28
C THR E 70 -0.96 -21.54 31.25
N TRP E 71 -2.09 -21.00 30.80
CA TRP E 71 -3.30 -21.80 30.66
C TRP E 71 -3.12 -22.91 29.63
N VAL E 72 -2.51 -22.57 28.50
CA VAL E 72 -2.29 -23.57 27.46
C VAL E 72 -1.32 -24.66 27.91
N GLY E 73 -0.58 -24.43 29.01
CA GLY E 73 0.37 -25.42 29.46
C GLY E 73 -0.29 -26.61 30.15
N THR E 74 -1.36 -26.36 30.89
CA THR E 74 -2.04 -27.43 31.61
C THR E 74 -3.21 -28.01 30.85
N ASN E 75 -3.69 -27.34 29.80
CA ASN E 75 -4.94 -27.72 29.16
C ASN E 75 -4.77 -28.28 27.74
N LEU E 76 -3.55 -28.33 27.22
CA LEU E 76 -3.29 -28.89 25.89
C LEU E 76 -2.60 -30.24 26.05
N GLU E 77 -3.27 -31.30 25.58
CA GLU E 77 -2.76 -32.65 25.80
C GLU E 77 -1.58 -32.95 24.90
N ASP E 78 -1.66 -32.58 23.62
CA ASP E 78 -0.57 -32.85 22.70
C ASP E 78 0.63 -31.99 23.03
N PRO E 79 1.77 -32.57 23.40
CA PRO E 79 2.94 -31.74 23.73
C PRO E 79 3.51 -31.01 22.54
N ALA E 80 3.47 -31.61 21.34
CA ALA E 80 3.97 -30.93 20.15
C ALA E 80 3.18 -29.67 19.86
N SER E 81 1.88 -29.67 20.18
CA SER E 81 1.07 -28.46 19.98
C SER E 81 1.24 -27.46 21.11
N ARG E 82 1.39 -27.96 22.35
CA ARG E 82 1.49 -27.07 23.50
C ARG E 82 2.77 -26.24 23.44
N ASP E 83 3.92 -26.89 23.31
CA ASP E 83 5.19 -26.16 23.26
C ASP E 83 5.38 -25.39 21.96
N LEU E 84 4.59 -25.67 20.94
CA LEU E 84 4.63 -24.84 19.73
C LEU E 84 4.01 -23.48 19.99
N VAL E 85 2.99 -23.41 20.84
CA VAL E 85 2.30 -22.15 21.14
C VAL E 85 3.02 -21.35 22.22
N VAL E 86 3.48 -22.01 23.29
CA VAL E 86 4.20 -21.30 24.34
C VAL E 86 5.50 -20.72 23.80
N SER E 87 6.11 -21.40 22.82
CA SER E 87 7.28 -20.83 22.17
C SER E 87 6.88 -19.68 21.26
N TYR E 88 5.76 -19.82 20.55
CA TYR E 88 5.29 -18.75 19.68
C TYR E 88 4.90 -17.51 20.47
N VAL E 89 4.48 -17.69 21.72
CA VAL E 89 4.04 -16.55 22.53
C VAL E 89 5.23 -15.78 23.08
N ASN E 90 6.19 -16.49 23.67
CA ASN E 90 7.32 -15.84 24.34
C ASN E 90 8.49 -15.54 23.41
N THR E 91 8.40 -15.89 22.13
CA THR E 91 9.46 -15.59 21.17
C THR E 91 8.98 -14.68 20.06
N ASN E 92 7.98 -15.11 19.28
CA ASN E 92 7.49 -14.28 18.19
C ASN E 92 6.72 -13.07 18.71
N VAL E 93 5.75 -13.30 19.59
CA VAL E 93 5.04 -12.20 20.21
C VAL E 93 5.91 -11.53 21.27
N GLY E 94 6.79 -12.30 21.91
CA GLY E 94 7.66 -11.72 22.94
C GLY E 94 8.55 -10.61 22.39
N LEU E 95 9.18 -10.86 21.24
CA LEU E 95 10.00 -9.82 20.63
C LEU E 95 9.16 -8.60 20.27
N LYS E 96 7.92 -8.82 19.82
CA LYS E 96 7.03 -7.71 19.51
C LYS E 96 6.85 -6.80 20.72
N PHE E 97 6.51 -7.38 21.87
CA PHE E 97 6.28 -6.59 23.07
C PHE E 97 7.57 -6.13 23.72
N ARG E 98 8.69 -6.81 23.47
CA ARG E 98 9.97 -6.32 23.98
C ARG E 98 10.37 -5.01 23.33
N GLN E 99 10.02 -4.81 22.06
CA GLN E 99 10.25 -3.51 21.42
C GLN E 99 9.28 -2.48 21.97
N LEU E 100 8.00 -2.85 22.12
CA LEU E 100 7.00 -1.91 22.61
C LEU E 100 7.30 -1.46 24.03
N LEU E 101 7.53 -2.43 24.93
CA LEU E 101 7.82 -2.08 26.31
C LEU E 101 9.12 -1.29 26.44
N TRP E 102 10.13 -1.64 25.63
CA TRP E 102 11.38 -0.89 25.67
C TRP E 102 11.20 0.51 25.14
N PHE E 103 10.45 0.68 24.05
CA PHE E 103 10.29 2.00 23.46
C PHE E 103 9.65 2.98 24.44
N HIS E 104 8.60 2.55 25.13
CA HIS E 104 7.87 3.46 25.99
C HIS E 104 8.57 3.70 27.32
N ILE E 105 9.20 2.65 27.87
CA ILE E 105 10.00 2.83 29.08
C ILE E 105 11.18 3.76 28.82
N SER E 106 11.87 3.54 27.70
CA SER E 106 13.04 4.36 27.38
C SER E 106 12.64 5.79 27.07
N CYS E 107 11.51 6.00 26.40
CA CYS E 107 11.07 7.36 26.10
C CYS E 107 10.72 8.12 27.36
N LEU E 108 10.21 7.42 28.39
CA LEU E 108 9.92 8.08 29.65
C LEU E 108 11.21 8.38 30.42
N THR E 109 12.19 7.48 30.34
CA THR E 109 13.44 7.66 31.07
C THR E 109 14.36 8.66 30.38
N PHE E 110 14.54 8.50 29.06
CA PHE E 110 15.55 9.28 28.33
C PHE E 110 14.96 10.30 27.37
N GLY E 111 13.66 10.26 27.10
CA GLY E 111 13.08 11.20 26.15
C GLY E 111 13.01 10.65 24.75
N ARG E 112 11.94 11.00 24.03
CA ARG E 112 11.70 10.42 22.71
C ARG E 112 12.84 10.71 21.74
N GLU E 113 13.32 11.95 21.71
CA GLU E 113 14.36 12.32 20.76
C GLU E 113 15.67 11.61 21.06
N THR E 114 16.06 11.57 22.34
CA THR E 114 17.29 10.87 22.72
C THR E 114 17.19 9.39 22.38
N VAL E 115 16.00 8.80 22.54
CA VAL E 115 15.82 7.39 22.21
C VAL E 115 15.98 7.16 20.72
N LEU E 116 15.39 8.04 19.90
CA LEU E 116 15.42 7.83 18.45
C LEU E 116 16.82 7.97 17.88
N GLU E 117 17.59 8.96 18.37
CA GLU E 117 18.96 9.09 17.91
C GLU E 117 19.83 7.93 18.37
N TYR E 118 19.57 7.39 19.57
CA TYR E 118 20.31 6.21 20.02
C TYR E 118 19.97 5.00 19.16
N LEU E 119 18.69 4.78 18.88
CA LEU E 119 18.26 3.64 18.09
C LEU E 119 19.03 3.56 16.78
N VAL E 120 19.07 4.67 16.06
CA VAL E 120 19.81 4.72 14.80
C VAL E 120 21.30 4.53 15.04
N SER E 121 21.82 5.15 16.10
CA SER E 121 23.26 5.06 16.39
C SER E 121 23.67 3.64 16.69
N PHE E 122 22.86 2.89 17.44
CA PHE E 122 23.23 1.52 17.78
C PHE E 122 23.05 0.59 16.58
N GLY E 123 22.06 0.84 15.73
CA GLY E 123 21.82 -0.03 14.60
C GLY E 123 22.99 -0.07 13.62
N VAL E 124 23.57 1.10 13.34
CA VAL E 124 24.73 1.14 12.46
C VAL E 124 25.99 0.71 13.21
N TRP E 125 26.03 0.90 14.54
CA TRP E 125 27.17 0.46 15.33
C TRP E 125 27.22 -1.07 15.41
N ILE E 126 26.09 -1.70 15.72
CA ILE E 126 26.08 -3.15 15.85
C ILE E 126 26.23 -3.86 14.52
N ARG E 127 25.95 -3.18 13.41
CA ARG E 127 26.13 -3.77 12.09
C ARG E 127 27.55 -3.54 11.54
N THR E 128 28.31 -2.64 12.14
CA THR E 128 29.73 -2.54 11.82
C THR E 128 30.43 -3.80 12.33
N PRO E 129 31.19 -4.49 11.50
CA PRO E 129 31.85 -5.71 11.96
C PRO E 129 32.79 -5.41 13.11
N PRO E 130 32.97 -6.37 14.02
CA PRO E 130 33.69 -6.07 15.27
C PRO E 130 35.14 -5.68 15.08
N ALA E 131 35.77 -6.06 13.97
CA ALA E 131 37.16 -5.70 13.75
C ALA E 131 37.32 -4.21 13.47
N ALA E 132 36.34 -3.59 12.82
CA ALA E 132 36.37 -2.17 12.53
C ALA E 132 35.50 -1.35 13.48
N ARG E 133 34.70 -2.00 14.30
CA ARG E 133 33.75 -1.29 15.16
C ARG E 133 34.43 -0.84 16.44
N PRO E 134 34.30 0.43 16.82
CA PRO E 134 34.86 0.89 18.09
C PRO E 134 34.26 0.10 19.26
N PRO E 135 35.05 -0.18 20.30
CA PRO E 135 34.54 -1.01 21.39
C PRO E 135 33.54 -0.30 22.28
N ASN E 136 33.55 1.02 22.35
CA ASN E 136 32.59 1.74 23.19
C ASN E 136 31.21 1.71 22.53
N ALA E 137 30.26 1.02 23.17
CA ALA E 137 28.91 1.02 22.66
C ALA E 137 28.27 2.38 22.91
N PRO E 138 27.47 2.90 21.98
CA PRO E 138 26.86 4.21 22.18
C PRO E 138 25.98 4.23 23.43
N ILE E 139 25.98 5.37 24.11
CA ILE E 139 25.36 5.50 25.42
C ILE E 139 23.98 6.12 25.27
N LEU E 140 23.00 5.51 25.92
CA LEU E 140 21.66 6.07 26.04
C LEU E 140 21.54 6.69 27.43
N SER E 141 21.48 8.02 27.49
CA SER E 141 21.52 8.72 28.77
C SER E 141 20.96 10.12 28.59
N THR E 142 20.72 10.78 29.72
CA THR E 142 20.28 12.17 29.75
C THR E 142 20.90 12.90 30.94
N VAL E 148 20.08 26.73 37.06
CA VAL E 148 20.69 27.81 36.29
C VAL E 148 20.92 29.02 37.18
N VAL E 149 22.10 29.63 37.08
CA VAL E 149 22.47 30.74 37.95
C VAL E 149 22.52 32.02 37.12
N GLU E 150 21.97 33.09 37.69
CA GLU E 150 21.96 34.39 37.03
C GLU E 150 23.21 35.17 37.38
N ASN E 151 23.43 36.26 36.62
CA ASN E 151 24.66 37.02 36.82
C ASN E 151 24.62 37.81 38.10
N LEU E 152 23.42 38.20 38.52
CA LEU E 152 23.26 38.97 39.75
C LEU E 152 23.70 38.19 40.99
N TYR E 153 23.75 36.86 40.91
CA TYR E 153 24.16 36.05 42.06
C TYR E 153 25.61 36.31 42.46
N PHE E 154 26.46 36.67 41.50
CA PHE E 154 27.89 36.78 41.74
C PHE E 154 28.38 38.22 41.81
N GLN E 155 27.52 39.21 41.65
CA GLN E 155 27.96 40.59 41.68
C GLN E 155 27.27 41.37 42.81
CA MET F 1 1.72 -4.29 39.40
C MET F 1 0.22 -4.57 39.26
N ASP F 2 -0.60 -3.61 39.68
CA ASP F 2 -2.05 -3.71 39.61
C ASP F 2 -2.56 -2.49 38.83
N ILE F 3 -2.53 -2.60 37.51
CA ILE F 3 -2.96 -1.52 36.62
C ILE F 3 -4.38 -1.82 36.17
N ASP F 4 -5.28 -0.86 36.39
CA ASP F 4 -6.64 -0.94 35.86
C ASP F 4 -6.71 -0.10 34.61
N PRO F 5 -7.08 -0.66 33.46
CA PRO F 5 -7.04 0.11 32.21
C PRO F 5 -8.08 1.23 32.13
N TYR F 6 -9.01 1.30 33.09
CA TYR F 6 -10.06 2.30 33.07
C TYR F 6 -9.86 3.42 34.09
N LYS F 7 -8.89 3.29 34.99
CA LYS F 7 -8.70 4.29 36.05
C LYS F 7 -8.42 5.67 35.47
N GLU F 8 -7.47 5.75 34.53
CA GLU F 8 -7.17 7.03 33.90
C GLU F 8 -8.34 7.56 33.08
N PHE F 9 -9.31 6.71 32.75
CA PHE F 9 -10.50 7.12 32.01
C PHE F 9 -11.73 7.26 32.90
N GLY F 10 -11.52 7.40 34.22
CA GLY F 10 -12.62 7.70 35.12
C GLY F 10 -13.55 6.55 35.42
N ALA F 11 -13.13 5.31 35.20
CA ALA F 11 -13.94 4.15 35.49
C ALA F 11 -13.05 3.08 36.12
N THR F 12 -13.63 1.90 36.38
CA THR F 12 -12.89 0.77 36.90
C THR F 12 -13.34 -0.49 36.18
N VAL F 13 -12.55 -1.56 36.35
CA VAL F 13 -12.93 -2.86 35.82
C VAL F 13 -14.24 -3.33 36.44
N GLU F 14 -14.42 -3.09 37.75
CA GLU F 14 -15.64 -3.50 38.42
C GLU F 14 -16.86 -2.77 37.87
N LEU F 15 -16.70 -1.49 37.53
CA LEU F 15 -17.81 -0.75 36.94
C LEU F 15 -18.16 -1.28 35.56
N LEU F 16 -17.15 -1.68 34.79
CA LEU F 16 -17.42 -2.26 33.48
C LEU F 16 -18.09 -3.62 33.61
N SER F 17 -17.81 -4.34 34.69
CA SER F 17 -18.47 -5.61 34.94
C SER F 17 -19.94 -5.45 35.32
N PHE F 18 -20.37 -4.24 35.66
CA PHE F 18 -21.78 -3.99 35.93
C PHE F 18 -22.63 -4.27 34.69
N LEU F 19 -22.05 -4.14 33.50
CA LEU F 19 -22.75 -4.48 32.28
C LEU F 19 -22.73 -6.00 32.06
N PRO F 20 -23.89 -6.62 31.84
CA PRO F 20 -23.88 -8.07 31.57
C PRO F 20 -23.03 -8.40 30.35
N SER F 21 -22.44 -9.59 30.39
CA SER F 21 -21.48 -9.99 29.36
C SER F 21 -22.09 -10.00 27.97
N ASP F 22 -23.40 -10.23 27.86
CA ASP F 22 -24.06 -10.27 26.56
C ASP F 22 -24.51 -8.89 26.09
N PHE F 23 -24.22 -7.83 26.86
CA PHE F 23 -24.54 -6.48 26.41
C PHE F 23 -23.59 -6.01 25.31
N PHE F 24 -22.34 -6.45 25.36
CA PHE F 24 -21.33 -5.92 24.46
C PHE F 24 -21.44 -6.56 23.07
N PRO F 25 -21.16 -5.79 22.02
CA PRO F 25 -21.11 -6.37 20.67
C PRO F 25 -19.97 -7.36 20.54
N SER F 26 -20.02 -8.14 19.48
CA SER F 26 -18.93 -9.05 19.16
C SER F 26 -17.67 -8.25 18.84
N VAL F 27 -16.51 -8.92 18.96
CA VAL F 27 -15.25 -8.27 18.59
C VAL F 27 -15.26 -7.87 17.14
N ARG F 28 -15.80 -8.73 16.28
CA ARG F 28 -15.88 -8.42 14.85
C ARG F 28 -16.66 -7.14 14.61
N ASP F 29 -17.81 -7.01 15.27
CA ASP F 29 -18.63 -5.81 15.10
C ASP F 29 -17.98 -4.59 15.74
N LEU F 30 -17.23 -4.78 16.83
CA LEU F 30 -16.53 -3.65 17.44
C LEU F 30 -15.37 -3.17 16.59
N LEU F 31 -14.57 -4.10 16.06
CA LEU F 31 -13.43 -3.72 15.22
C LEU F 31 -13.90 -3.07 13.93
N ASP F 32 -15.03 -3.54 13.37
CA ASP F 32 -15.57 -2.93 12.16
C ASP F 32 -16.10 -1.53 12.44
N THR F 33 -16.62 -1.29 13.64
CA THR F 33 -17.09 0.05 13.99
C THR F 33 -15.93 1.00 14.19
N ALA F 34 -14.87 0.55 14.86
CA ALA F 34 -13.68 1.37 15.01
C ALA F 34 -13.09 1.74 13.64
N ALA F 35 -13.15 0.82 12.69
CA ALA F 35 -12.64 1.10 11.35
C ALA F 35 -13.55 2.07 10.61
N ALA F 36 -14.85 1.76 10.51
CA ALA F 36 -15.76 2.61 9.75
C ALA F 36 -15.83 4.01 10.32
N LEU F 37 -15.67 4.17 11.63
CA LEU F 37 -15.87 5.46 12.27
C LEU F 37 -14.58 6.22 12.53
N TYR F 38 -13.43 5.54 12.63
CA TYR F 38 -12.21 6.19 13.09
C TYR F 38 -10.96 5.66 12.38
N ARG F 39 -11.11 5.16 11.16
CA ARG F 39 -9.96 4.58 10.46
C ARG F 39 -8.84 5.59 10.29
N ASP F 40 -9.17 6.77 9.72
CA ASP F 40 -8.13 7.74 9.42
C ASP F 40 -7.54 8.34 10.69
N ALA F 41 -8.33 8.46 11.75
CA ALA F 41 -7.80 8.98 13.01
C ALA F 41 -6.87 7.96 13.68
N LEU F 42 -7.28 6.69 13.70
CA LEU F 42 -6.48 5.65 14.32
C LEU F 42 -5.18 5.39 13.58
N GLU F 43 -5.12 5.73 12.29
CA GLU F 43 -3.92 5.51 11.50
C GLU F 43 -3.06 6.76 11.35
N SER F 44 -3.56 7.92 11.77
CA SER F 44 -2.82 9.17 11.60
C SER F 44 -1.65 9.23 12.56
N PRO F 45 -0.64 10.08 12.26
CA PRO F 45 0.46 10.27 13.21
C PRO F 45 0.10 11.23 14.33
N GLU F 46 -1.20 11.45 14.55
CA GLU F 46 -1.69 12.32 15.59
C GLU F 46 -2.14 11.48 16.79
N HIS F 47 -1.81 11.97 17.99
CA HIS F 47 -2.28 11.30 19.20
C HIS F 47 -3.79 11.36 19.32
N CYS F 48 -4.39 12.47 18.85
CA CYS F 48 -5.84 12.69 18.90
C CYS F 48 -6.35 12.74 20.33
N SER F 49 -6.30 11.62 21.04
CA SER F 49 -6.83 11.54 22.40
C SER F 49 -6.26 10.29 23.06
N PRO F 50 -6.29 10.23 24.40
CA PRO F 50 -5.89 8.98 25.08
C PRO F 50 -6.76 7.79 24.71
N HIS F 51 -8.01 8.03 24.31
CA HIS F 51 -8.84 6.95 23.80
C HIS F 51 -8.23 6.37 22.54
N HIS F 52 -7.70 7.22 21.66
CA HIS F 52 -7.10 6.75 20.42
C HIS F 52 -5.86 5.90 20.71
N THR F 53 -5.07 6.29 21.72
CA THR F 53 -3.91 5.49 22.08
C THR F 53 -4.33 4.12 22.62
N ALA F 54 -5.26 4.10 23.57
CA ALA F 54 -5.76 2.84 24.10
C ALA F 54 -6.40 1.99 23.00
N LEU F 55 -7.20 2.62 22.14
CA LEU F 55 -7.86 1.89 21.08
C LEU F 55 -6.86 1.29 20.11
N ARG F 56 -5.80 2.03 19.78
CA ARG F 56 -4.83 1.57 18.79
C ARG F 56 -4.16 0.27 19.25
N GLN F 57 -3.68 0.25 20.49
CA GLN F 57 -3.00 -0.94 20.99
C GLN F 57 -3.99 -2.03 21.38
N ALA F 58 -5.21 -1.67 21.75
CA ALA F 58 -6.24 -2.69 22.00
C ALA F 58 -6.56 -3.44 20.71
N ILE F 59 -6.63 -2.73 19.59
CA ILE F 59 -6.87 -3.37 18.30
C ILE F 59 -5.68 -4.26 17.94
N LEU F 60 -4.47 -3.74 18.10
CA LEU F 60 -3.28 -4.53 17.76
C LEU F 60 -3.11 -5.72 18.70
N CYS F 61 -3.44 -5.54 19.98
CA CYS F 61 -3.30 -6.63 20.92
C CYS F 61 -4.29 -7.75 20.62
N TRP F 62 -5.54 -7.39 20.33
CA TRP F 62 -6.48 -8.43 19.90
C TRP F 62 -6.03 -9.06 18.59
N GLY F 63 -5.52 -8.25 17.67
CA GLY F 63 -4.99 -8.80 16.44
C GLY F 63 -3.86 -9.77 16.68
N ASP F 64 -3.19 -9.65 17.83
CA ASP F 64 -2.13 -10.59 18.19
C ASP F 64 -2.71 -11.93 18.62
N LEU F 65 -3.78 -11.91 19.44
CA LEU F 65 -4.40 -13.15 19.85
C LEU F 65 -5.19 -13.79 18.70
N MET F 66 -5.73 -12.97 17.79
CA MET F 66 -6.44 -13.49 16.64
C MET F 66 -5.50 -13.87 15.50
N THR F 67 -4.25 -13.37 15.51
CA THR F 67 -3.22 -13.92 14.64
C THR F 67 -2.55 -15.13 15.27
N LEU F 68 -2.60 -15.25 16.61
CA LEU F 68 -2.35 -16.53 17.25
C LEU F 68 -3.45 -17.53 16.94
N ALA F 69 -4.64 -17.04 16.59
CA ALA F 69 -5.78 -17.90 16.28
C ALA F 69 -5.67 -18.53 14.90
N THR F 70 -5.22 -17.74 13.90
CA THR F 70 -4.92 -18.32 12.59
C THR F 70 -3.63 -19.12 12.62
N TRP F 71 -2.78 -18.90 13.62
CA TRP F 71 -1.55 -19.68 13.79
C TRP F 71 -1.85 -21.07 14.31
N VAL F 72 -2.85 -21.23 15.19
CA VAL F 72 -3.27 -22.53 15.66
C VAL F 72 -4.24 -23.13 14.64
N GLY F 73 -3.74 -23.37 13.44
CA GLY F 73 -4.55 -23.88 12.35
C GLY F 73 -3.68 -24.06 11.11
N THR F 74 -2.47 -23.51 11.18
CA THR F 74 -1.45 -23.70 10.16
C THR F 74 -0.21 -24.39 10.69
N ASN F 75 0.05 -24.33 12.00
CA ASN F 75 1.23 -24.95 12.60
C ASN F 75 0.90 -26.11 13.53
N LEU F 76 -0.36 -26.28 13.92
CA LEU F 76 -0.74 -27.32 14.86
C LEU F 76 -1.14 -28.58 14.10
N GLU F 77 -0.43 -29.68 14.36
CA GLU F 77 -0.79 -30.98 13.81
C GLU F 77 -2.08 -31.53 14.40
N ASP F 78 -2.56 -30.96 15.50
CA ASP F 78 -3.72 -31.45 16.23
C ASP F 78 -4.87 -30.45 16.07
N PRO F 79 -5.78 -30.64 15.12
CA PRO F 79 -6.95 -29.77 15.02
C PRO F 79 -7.77 -29.69 16.30
N ALA F 80 -7.61 -30.64 17.22
CA ALA F 80 -8.19 -30.50 18.55
C ALA F 80 -7.53 -29.35 19.30
N SER F 81 -6.20 -29.43 19.47
CA SER F 81 -5.46 -28.34 20.08
C SER F 81 -5.64 -27.01 19.34
N ARG F 82 -5.96 -27.07 18.05
CA ARG F 82 -6.33 -25.85 17.33
C ARG F 82 -7.62 -25.26 17.89
N ASP F 83 -8.59 -26.10 18.23
CA ASP F 83 -9.89 -25.62 18.70
C ASP F 83 -9.87 -25.25 20.18
N LEU F 84 -9.06 -25.94 20.99
CA LEU F 84 -8.92 -25.57 22.39
C LEU F 84 -8.34 -24.19 22.57
N VAL F 85 -7.57 -23.70 21.59
CA VAL F 85 -6.92 -22.40 21.71
C VAL F 85 -7.87 -21.27 21.30
N VAL F 86 -8.44 -21.36 20.11
CA VAL F 86 -9.34 -20.31 19.62
C VAL F 86 -10.58 -20.19 20.48
N SER F 87 -10.95 -21.26 21.20
CA SER F 87 -12.07 -21.17 22.14
C SER F 87 -11.70 -20.33 23.36
N TYR F 88 -10.45 -20.45 23.82
CA TYR F 88 -10.01 -19.63 24.94
C TYR F 88 -9.87 -18.17 24.55
N VAL F 89 -9.41 -17.91 23.32
CA VAL F 89 -9.19 -16.54 22.87
C VAL F 89 -10.50 -15.78 22.78
N ASN F 90 -11.60 -16.46 22.45
CA ASN F 90 -12.86 -15.80 22.16
C ASN F 90 -13.81 -15.72 23.35
N THR F 91 -13.71 -16.63 24.32
CA THR F 91 -14.64 -16.67 25.43
C THR F 91 -14.02 -16.34 26.77
N ASN F 92 -12.71 -16.22 26.87
CA ASN F 92 -12.03 -15.86 28.12
C ASN F 92 -11.49 -14.45 28.04
N VAL F 93 -10.45 -14.21 27.23
CA VAL F 93 -10.01 -12.84 26.98
C VAL F 93 -10.92 -12.12 25.99
N GLY F 94 -11.83 -12.85 25.33
CA GLY F 94 -12.72 -12.22 24.37
C GLY F 94 -13.67 -11.24 25.03
N LEU F 95 -14.28 -11.65 26.14
CA LEU F 95 -15.17 -10.74 26.88
C LEU F 95 -14.39 -9.53 27.39
N LYS F 96 -13.13 -9.75 27.79
CA LYS F 96 -12.32 -8.65 28.31
C LYS F 96 -12.08 -7.58 27.24
N PHE F 97 -11.77 -8.02 26.01
CA PHE F 97 -11.50 -7.05 24.95
C PHE F 97 -12.77 -6.45 24.37
N ARG F 98 -13.89 -7.19 24.42
CA ARG F 98 -15.16 -6.61 24.03
C ARG F 98 -15.53 -5.45 24.94
N GLN F 99 -15.26 -5.59 26.24
CA GLN F 99 -15.49 -4.49 27.16
C GLN F 99 -14.57 -3.31 26.85
N LEU F 100 -13.28 -3.59 26.64
CA LEU F 100 -12.31 -2.54 26.41
C LEU F 100 -12.55 -1.84 25.09
N LEU F 101 -12.77 -2.60 24.02
CA LEU F 101 -13.01 -2.00 22.72
C LEU F 101 -14.33 -1.22 22.70
N TRP F 102 -15.37 -1.75 23.36
CA TRP F 102 -16.63 -1.02 23.43
C TRP F 102 -16.48 0.28 24.21
N PHE F 103 -15.72 0.25 25.31
CA PHE F 103 -15.61 1.42 26.16
C PHE F 103 -15.04 2.61 25.40
N HIS F 104 -13.95 2.39 24.67
CA HIS F 104 -13.26 3.50 24.01
C HIS F 104 -14.00 3.97 22.76
N ILE F 105 -14.56 3.04 21.99
CA ILE F 105 -15.33 3.41 20.81
C ILE F 105 -16.55 4.24 21.21
N SER F 106 -17.27 3.79 22.24
CA SER F 106 -18.44 4.51 22.71
C SER F 106 -18.06 5.88 23.27
N CYS F 107 -16.93 5.96 23.97
CA CYS F 107 -16.51 7.23 24.55
C CYS F 107 -16.21 8.26 23.47
N LEU F 108 -15.63 7.83 22.35
CA LEU F 108 -15.39 8.73 21.24
C LEU F 108 -16.64 9.02 20.43
N THR F 109 -17.63 8.13 20.45
CA THR F 109 -18.86 8.32 19.70
C THR F 109 -19.88 9.15 20.46
N PHE F 110 -20.09 8.85 21.75
CA PHE F 110 -21.14 9.50 22.53
C PHE F 110 -20.62 10.39 23.64
N GLY F 111 -19.35 10.29 23.99
CA GLY F 111 -18.81 11.10 25.08
C GLY F 111 -18.60 10.24 26.32
N ARG F 112 -17.45 10.45 26.97
CA ARG F 112 -17.09 9.62 28.12
C ARG F 112 -18.09 9.78 29.26
N GLU F 113 -18.50 11.03 29.54
CA GLU F 113 -19.48 11.25 30.61
C GLU F 113 -20.83 10.65 30.25
N THR F 114 -21.25 10.77 29.00
CA THR F 114 -22.50 10.16 28.57
C THR F 114 -22.44 8.64 28.70
N VAL F 115 -21.31 8.04 28.32
CA VAL F 115 -21.17 6.58 28.37
C VAL F 115 -21.25 6.10 29.81
N LEU F 116 -20.62 6.81 30.74
CA LEU F 116 -20.59 6.36 32.13
C LEU F 116 -21.98 6.43 32.76
N GLU F 117 -22.73 7.50 32.50
CA GLU F 117 -24.09 7.61 32.99
C GLU F 117 -25.00 6.56 32.36
N TYR F 118 -24.78 6.25 31.08
CA TYR F 118 -25.52 5.17 30.45
C TYR F 118 -25.21 3.83 31.10
N LEU F 119 -23.93 3.57 31.33
CA LEU F 119 -23.50 2.32 31.94
C LEU F 119 -24.26 2.05 33.24
N VAL F 120 -24.41 3.08 34.07
CA VAL F 120 -25.11 2.91 35.34
C VAL F 120 -26.62 2.77 35.10
N SER F 121 -27.16 3.55 34.17
CA SER F 121 -28.60 3.52 33.92
C SER F 121 -29.03 2.18 33.32
N PHE F 122 -28.24 1.63 32.40
CA PHE F 122 -28.61 0.35 31.80
C PHE F 122 -28.41 -0.79 32.80
N GLY F 123 -27.34 -0.73 33.60
CA GLY F 123 -27.10 -1.79 34.57
C GLY F 123 -28.22 -1.93 35.58
N VAL F 124 -28.81 -0.81 35.97
CA VAL F 124 -29.97 -0.85 36.85
C VAL F 124 -31.20 -1.28 36.08
N TRP F 125 -31.31 -0.86 34.82
CA TRP F 125 -32.49 -1.20 34.01
C TRP F 125 -32.54 -2.69 33.71
N ILE F 126 -31.40 -3.28 33.31
CA ILE F 126 -31.38 -4.70 32.97
C ILE F 126 -31.62 -5.57 34.20
N ARG F 127 -31.35 -5.07 35.40
CA ARG F 127 -31.57 -5.83 36.62
C ARG F 127 -32.97 -5.62 37.20
N THR F 128 -33.73 -4.67 36.69
CA THR F 128 -35.12 -4.54 37.08
C THR F 128 -35.92 -5.68 36.47
N PRO F 129 -36.67 -6.44 37.27
CA PRO F 129 -37.46 -7.53 36.70
C PRO F 129 -38.43 -6.98 35.65
N PRO F 130 -38.70 -7.76 34.60
CA PRO F 130 -39.37 -7.19 33.41
C PRO F 130 -40.80 -6.72 33.66
N ALA F 131 -41.46 -7.17 34.73
CA ALA F 131 -42.80 -6.71 35.00
C ALA F 131 -42.82 -5.24 35.38
N ALA F 132 -41.84 -4.80 36.17
CA ALA F 132 -41.73 -3.41 36.57
C ALA F 132 -40.91 -2.57 35.62
N ARG F 133 -40.14 -3.20 34.76
CA ARG F 133 -39.18 -2.52 33.88
C ARG F 133 -39.88 -2.05 32.61
N PRO F 134 -39.71 -0.79 32.22
CA PRO F 134 -40.20 -0.34 30.91
C PRO F 134 -39.56 -1.14 29.79
N PRO F 135 -40.30 -1.44 28.73
CA PRO F 135 -39.79 -2.39 27.72
C PRO F 135 -38.67 -1.83 26.87
N ASN F 136 -38.49 -0.52 26.83
CA ASN F 136 -37.50 0.11 25.97
C ASN F 136 -36.23 0.39 26.77
N ALA F 137 -35.11 -0.17 26.32
CA ALA F 137 -33.84 0.08 26.98
C ALA F 137 -33.45 1.55 26.86
N PRO F 138 -32.71 2.08 27.83
CA PRO F 138 -32.28 3.48 27.74
C PRO F 138 -31.42 3.72 26.51
N ILE F 139 -31.53 4.93 25.97
CA ILE F 139 -30.89 5.29 24.71
C ILE F 139 -29.48 5.82 24.99
N LEU F 140 -28.53 5.44 24.13
CA LEU F 140 -27.16 5.92 24.19
C LEU F 140 -26.97 6.91 23.05
N SER F 141 -26.92 8.20 23.40
CA SER F 141 -26.70 9.26 22.41
C SER F 141 -26.39 10.59 23.10
N ASN F 151 -12.02 16.33 23.64
CA ASN F 151 -11.08 17.14 22.89
C ASN F 151 -9.83 17.45 23.72
N LEU F 152 -10.04 17.94 24.93
CA LEU F 152 -8.95 18.31 25.83
C LEU F 152 -8.85 17.30 26.96
N TYR F 153 -7.60 16.95 27.32
CA TYR F 153 -7.35 15.92 28.31
C TYR F 153 -6.21 16.38 29.22
N PHE F 154 -6.43 16.27 30.54
CA PHE F 154 -5.46 16.72 31.52
C PHE F 154 -4.55 15.58 31.96
N GLN F 155 -3.31 15.91 32.29
CA GLN F 155 -2.34 14.93 32.76
C GLN F 155 -2.55 14.62 34.24
#